data_8C5W
#
_entry.id   8C5W
#
_cell.length_a   83.061
_cell.length_b   83.061
_cell.length_c   308.864
_cell.angle_alpha   90.000
_cell.angle_beta   90.000
_cell.angle_gamma   90.000
#
_symmetry.space_group_name_H-M   'P 41 21 2'
#
loop_
_entity.id
_entity.type
_entity.pdbx_description
1 polymer 'Penicillin-binding protein 3'
2 non-polymer "CEFOTAXIME, C3' cleaved, open, bound form"
3 water water
#
_entity_poly.entity_id   1
_entity_poly.type   'polypeptide(L)'
_entity_poly.pdbx_seq_one_letter_code
;GSSHHHHHHSSGENLYFQSGSHYKQLIKNDENITVNESVPRGRILDRNGKVLVDNASKMSITYTRNRKTSQKEMLNTAKK
LTDLIKMDTDKITERDKKDFWIQMYPSSAKKLMRKEQLMLEDGSISQDQFDTQLRDKIGKKQLKQLTKKDLQVLAIYREM
NAGSTLDPQTIKNEDVSEKEYAAVSQQLSKLPGVNTTMDWDRKYPYGDTLRGIFGDVSTSTEGIPKELTEQYLSKGYSRN
DRVGKSYLEYQYEDVLKGTKKQMKYTTDKSGRVISSEVLNPGSRGHDLQLTIDIDLQKKVESLLEKQISKLRSQGAKDMD
NALMVVQNPKNGDILAIAGKQIDKQGKLKDYDIGNFTAQYTVGSSVKGGTLLAGYQNKAINVGETMVDEPLKFQGGLTKR
SYFNKNGHVSIDDKQALMHSSNVYMFKTALKLAGDPYTSGMSLPNNIADAGRKLRKGLNQVGLGLKTGIDLPNETPGQIE
PLTNNPGNYLDLAIGQYDTYTPLQLSQYVSTIANDGYRIQPHIGLSIYESTNKDETGPLKRKIKGNVLNKVNNSNDEIKE
VQEGFKMAFNEKQGTGYASFRNTVVPSAGKTGTAEVFQDGEPRVNSTYIGYAPVDDPKLSFSIVYTNQPVPPPWLNGGDL
GRDVINYYFKDKDNKKDDSQSNNEEKED
;
_entity_poly.pdbx_strand_id   A
#
loop_
_chem_comp.id
_chem_comp.type
_chem_comp.name
_chem_comp.formula
CEF non-polymer 'CEFOTAXIME, C3' cleaved, open, bound form' 'C14 H15 N5 O5 S2'
#
# COMPACT_ATOMS: atom_id res chain seq x y z
CA SER A 19 -26.49 -7.17 -18.67
C SER A 19 -25.36 -6.50 -17.89
N GLY A 20 -24.47 -5.82 -18.63
CA GLY A 20 -23.40 -5.02 -18.04
C GLY A 20 -22.01 -5.30 -18.56
N SER A 21 -21.41 -4.32 -19.22
CA SER A 21 -20.04 -4.48 -19.70
C SER A 21 -19.56 -3.28 -20.51
N HIS A 22 -19.48 -2.09 -19.90
CA HIS A 22 -19.22 -0.81 -20.59
C HIS A 22 -18.18 -1.02 -21.70
N TYR A 23 -18.66 -0.93 -22.92
CA TYR A 23 -18.11 -1.46 -24.14
C TYR A 23 -16.84 -0.78 -24.61
N LYS A 24 -16.04 -1.51 -25.41
CA LYS A 24 -14.72 -1.03 -25.81
C LYS A 24 -14.66 -0.63 -27.28
N GLN A 25 -14.69 -1.57 -28.25
CA GLN A 25 -14.13 -1.31 -29.59
C GLN A 25 -14.99 -1.90 -30.72
N LEU A 26 -14.81 -1.37 -31.95
CA LEU A 26 -15.44 -1.90 -33.17
C LEU A 26 -14.51 -1.84 -34.38
N ILE A 27 -13.78 -2.96 -34.63
CA ILE A 27 -12.95 -3.11 -35.84
C ILE A 27 -13.82 -3.03 -37.10
N LYS A 28 -13.22 -2.58 -38.21
CA LYS A 28 -13.96 -2.37 -39.47
C LYS A 28 -13.03 -2.60 -40.66
N ASN A 29 -13.20 -3.73 -41.35
CA ASN A 29 -12.50 -4.02 -42.60
C ASN A 29 -13.40 -3.63 -43.76
N ASP A 30 -13.65 -4.49 -44.78
CA ASP A 30 -14.58 -4.20 -45.87
C ASP A 30 -15.96 -4.76 -45.48
N GLU A 31 -16.79 -3.89 -44.86
CA GLU A 31 -18.11 -4.26 -44.32
C GLU A 31 -18.06 -5.54 -43.46
N ASN A 32 -17.26 -5.45 -42.40
CA ASN A 32 -17.07 -6.53 -41.42
C ASN A 32 -16.70 -5.89 -40.09
N ILE A 33 -17.30 -6.40 -39.00
CA ILE A 33 -17.28 -5.77 -37.68
C ILE A 33 -16.79 -6.79 -36.65
N THR A 34 -16.16 -6.27 -35.59
CA THR A 34 -15.65 -7.01 -34.44
C THR A 34 -15.96 -6.19 -33.18
N VAL A 35 -16.20 -6.84 -32.05
CA VAL A 35 -16.60 -6.15 -30.82
C VAL A 35 -15.84 -6.74 -29.62
N ASN A 36 -15.89 -6.00 -28.47
CA ASN A 36 -15.16 -6.37 -27.24
C ASN A 36 -15.76 -5.71 -25.99
N GLU A 37 -16.10 -6.50 -24.94
CA GLU A 37 -16.72 -5.95 -23.71
C GLU A 37 -15.98 -6.42 -22.44
N SER A 38 -16.23 -5.66 -21.36
CA SER A 38 -15.40 -5.69 -20.16
C SER A 38 -15.99 -6.57 -19.07
N VAL A 39 -15.18 -7.49 -18.59
CA VAL A 39 -15.53 -8.39 -17.49
C VAL A 39 -15.13 -7.76 -16.17
N PRO A 40 -15.31 -8.61 -14.98
CA PRO A 40 -14.72 -8.05 -13.75
C PRO A 40 -13.42 -8.70 -13.25
N ARG A 41 -12.70 -8.02 -12.39
CA ARG A 41 -11.33 -8.40 -12.11
C ARG A 41 -11.29 -9.54 -11.10
N GLY A 42 -10.25 -10.37 -11.20
CA GLY A 42 -9.97 -11.30 -10.13
C GLY A 42 -10.21 -10.75 -8.73
N ARG A 43 -10.54 -11.62 -7.79
CA ARG A 43 -10.59 -11.19 -6.41
C ARG A 43 -9.19 -11.30 -5.85
N ILE A 44 -9.04 -11.02 -4.58
CA ILE A 44 -7.76 -11.04 -3.92
C ILE A 44 -8.04 -11.60 -2.57
N LEU A 45 -7.40 -12.74 -2.26
CA LEU A 45 -7.66 -13.48 -1.03
C LEU A 45 -6.43 -13.68 -0.15
N ASP A 46 -6.65 -13.72 1.16
CA ASP A 46 -5.65 -14.07 2.18
C ASP A 46 -5.28 -15.55 2.00
N ARG A 47 -4.31 -16.05 2.77
CA ARG A 47 -3.80 -17.41 2.53
C ARG A 47 -4.71 -18.53 3.02
N ASN A 48 -5.78 -18.21 3.77
CA ASN A 48 -6.81 -19.17 4.13
C ASN A 48 -8.10 -18.97 3.34
N GLY A 49 -8.05 -18.20 2.25
CA GLY A 49 -9.20 -17.95 1.40
C GLY A 49 -10.06 -16.75 1.77
N LYS A 50 -9.94 -16.23 2.99
CA LYS A 50 -10.67 -15.04 3.39
C LYS A 50 -10.50 -13.93 2.35
N VAL A 51 -11.60 -13.45 1.79
CA VAL A 51 -11.52 -12.49 0.68
C VAL A 51 -11.12 -11.10 1.19
N LEU A 52 -10.06 -10.56 0.58
CA LEU A 52 -9.54 -9.23 0.91
C LEU A 52 -10.06 -8.16 -0.03
N VAL A 53 -10.25 -8.51 -1.30
CA VAL A 53 -10.63 -7.54 -2.30
C VAL A 53 -11.57 -8.19 -3.30
N ASP A 54 -12.79 -7.66 -3.35
CA ASP A 54 -13.89 -8.14 -4.16
C ASP A 54 -14.33 -7.04 -5.14
N ASN A 55 -15.10 -7.45 -6.15
CA ASN A 55 -15.88 -6.53 -6.96
C ASN A 55 -17.29 -6.43 -6.38
N ALA A 56 -17.79 -5.19 -6.20
CA ALA A 56 -19.17 -4.87 -5.93
C ALA A 56 -19.72 -4.13 -7.14
N SER A 57 -21.05 -4.20 -7.31
CA SER A 57 -21.74 -3.59 -8.44
C SER A 57 -22.22 -2.20 -8.05
N LYS A 58 -21.97 -1.22 -8.92
CA LYS A 58 -22.47 0.15 -8.75
C LYS A 58 -23.31 0.55 -9.97
N MET A 59 -24.62 0.63 -9.78
CA MET A 59 -25.50 1.10 -10.83
C MET A 59 -25.64 2.62 -10.77
N SER A 60 -26.29 3.16 -11.77
CA SER A 60 -26.24 4.59 -11.94
C SER A 60 -27.10 5.02 -13.13
N ILE A 61 -28.06 5.93 -12.87
CA ILE A 61 -29.04 6.34 -13.86
C ILE A 61 -28.60 7.66 -14.48
N THR A 62 -28.65 7.72 -15.81
CA THR A 62 -28.23 8.90 -16.56
C THR A 62 -29.36 9.43 -17.44
N TYR A 63 -29.46 10.78 -17.52
CA TYR A 63 -30.32 11.50 -18.44
C TYR A 63 -29.45 12.09 -19.56
N THR A 64 -30.07 12.36 -20.70
CA THR A 64 -29.37 12.89 -21.87
C THR A 64 -30.28 13.93 -22.49
N ARG A 65 -29.90 15.21 -22.34
CA ARG A 65 -30.76 16.36 -22.64
C ARG A 65 -30.57 16.80 -24.08
N ASN A 66 -31.44 17.72 -24.51
CA ASN A 66 -31.42 18.19 -25.89
C ASN A 66 -31.54 19.69 -25.92
N ARG A 67 -30.86 20.31 -26.93
CA ARG A 67 -31.15 21.68 -27.38
C ARG A 67 -32.56 21.79 -28.07
N LYS A 68 -33.33 20.68 -27.96
CA LYS A 68 -34.62 20.57 -28.63
C LYS A 68 -35.65 19.85 -27.77
N THR A 69 -35.60 20.08 -26.45
CA THR A 69 -36.62 19.64 -25.50
C THR A 69 -36.41 20.44 -24.23
N SER A 70 -37.21 21.50 -24.06
CA SER A 70 -37.01 22.44 -22.96
C SER A 70 -38.14 22.28 -21.95
N GLN A 71 -39.06 23.22 -21.85
CA GLN A 71 -39.94 23.44 -20.71
C GLN A 71 -40.29 22.18 -19.88
N LYS A 72 -41.24 21.40 -20.40
CA LYS A 72 -42.13 20.56 -19.63
C LYS A 72 -41.80 19.08 -19.69
N GLU A 73 -41.51 18.55 -20.90
CA GLU A 73 -41.08 17.17 -21.08
C GLU A 73 -39.91 16.76 -20.16
N MET A 74 -39.19 17.72 -19.54
CA MET A 74 -38.43 17.50 -18.31
C MET A 74 -39.35 16.97 -17.24
N LEU A 75 -40.11 17.88 -16.62
CA LEU A 75 -40.97 17.51 -15.52
C LEU A 75 -41.88 16.33 -15.85
N ASN A 76 -42.04 16.00 -17.13
CA ASN A 76 -42.85 14.83 -17.45
C ASN A 76 -42.06 13.53 -17.26
N THR A 77 -40.84 13.46 -17.79
CA THR A 77 -39.97 12.35 -17.41
C THR A 77 -39.79 12.32 -15.90
N ALA A 78 -39.37 13.43 -15.29
CA ALA A 78 -39.12 13.44 -13.84
C ALA A 78 -40.34 13.00 -13.02
N LYS A 79 -41.58 13.40 -13.39
CA LYS A 79 -42.75 12.94 -12.63
C LYS A 79 -42.91 11.40 -12.72
N LYS A 80 -42.64 10.82 -13.89
CA LYS A 80 -42.74 9.36 -14.06
C LYS A 80 -41.69 8.62 -13.20
N LEU A 81 -40.44 9.08 -13.27
CA LEU A 81 -39.31 8.49 -12.53
C LEU A 81 -39.50 8.56 -11.00
N THR A 82 -40.08 9.63 -10.49
CA THR A 82 -40.24 9.76 -9.04
C THR A 82 -41.26 8.73 -8.53
N ASP A 83 -41.45 7.66 -9.32
CA ASP A 83 -42.23 6.49 -8.91
C ASP A 83 -41.36 5.25 -8.80
N LEU A 84 -40.28 5.18 -9.59
CA LEU A 84 -39.41 4.02 -9.63
C LEU A 84 -38.24 4.15 -8.68
N ILE A 85 -37.87 5.38 -8.34
CA ILE A 85 -36.70 5.65 -7.53
C ILE A 85 -37.08 6.66 -6.46
N LYS A 86 -36.35 6.65 -5.35
CA LYS A 86 -36.41 7.62 -4.29
C LYS A 86 -35.11 8.42 -4.34
N MET A 87 -35.18 9.71 -3.93
CA MET A 87 -34.08 10.65 -4.19
C MET A 87 -33.58 11.42 -2.97
N ASP A 88 -32.28 11.78 -3.03
CA ASP A 88 -31.56 12.53 -2.01
C ASP A 88 -31.62 14.01 -2.38
N THR A 89 -32.37 14.78 -1.59
CA THR A 89 -32.58 16.20 -1.81
C THR A 89 -31.54 17.07 -1.12
N ASP A 90 -30.42 16.50 -0.65
CA ASP A 90 -29.38 17.30 0.00
C ASP A 90 -28.70 18.28 -0.96
N LYS A 91 -29.08 18.30 -2.25
CA LYS A 91 -28.45 19.16 -3.26
C LYS A 91 -29.41 20.22 -3.82
N ILE A 92 -30.65 20.24 -3.35
CA ILE A 92 -31.61 21.22 -3.81
C ILE A 92 -31.32 22.56 -3.15
N THR A 93 -31.68 23.63 -3.85
CA THR A 93 -31.35 25.00 -3.45
C THR A 93 -32.61 25.87 -3.48
N GLU A 94 -32.80 26.66 -2.40
CA GLU A 94 -33.84 27.69 -2.29
C GLU A 94 -34.24 28.27 -3.66
N ARG A 95 -33.25 28.62 -4.47
CA ARG A 95 -33.48 29.05 -5.84
C ARG A 95 -34.32 28.03 -6.64
N ASP A 96 -33.83 26.78 -6.80
CA ASP A 96 -34.58 25.72 -7.50
C ASP A 96 -35.96 25.46 -6.87
N LYS A 97 -36.05 25.49 -5.53
CA LYS A 97 -37.37 25.44 -4.86
C LYS A 97 -38.28 26.61 -5.28
N LYS A 98 -37.85 27.86 -4.98
CA LYS A 98 -38.41 29.12 -5.51
C LYS A 98 -38.93 28.90 -6.93
N ASP A 99 -38.00 28.76 -7.90
CA ASP A 99 -38.37 28.57 -9.30
C ASP A 99 -39.39 27.45 -9.50
N PHE A 100 -39.06 26.22 -9.06
CA PHE A 100 -40.00 25.10 -9.18
C PHE A 100 -41.39 25.47 -8.62
N TRP A 101 -41.45 26.33 -7.59
CA TRP A 101 -42.73 26.80 -7.07
C TRP A 101 -43.58 27.46 -8.19
N ILE A 102 -42.97 28.36 -8.95
CA ILE A 102 -43.68 29.02 -10.04
C ILE A 102 -44.23 27.97 -11.03
N GLN A 103 -43.34 27.10 -11.57
CA GLN A 103 -43.73 25.94 -12.39
C GLN A 103 -45.04 25.36 -11.89
N MET A 104 -45.03 24.99 -10.58
CA MET A 104 -46.00 24.14 -9.88
C MET A 104 -47.23 24.88 -9.35
N TYR A 105 -47.22 26.20 -9.32
CA TYR A 105 -48.36 26.92 -8.76
C TYR A 105 -48.78 28.13 -9.62
N PRO A 106 -48.86 28.00 -10.98
CA PRO A 106 -49.41 29.09 -11.80
C PRO A 106 -50.67 29.68 -11.16
N SER A 107 -51.32 28.87 -10.32
CA SER A 107 -52.34 29.34 -9.39
C SER A 107 -51.85 30.57 -8.61
N SER A 108 -51.23 30.32 -7.44
CA SER A 108 -50.96 31.41 -6.51
C SER A 108 -49.88 32.36 -7.03
N ALA A 109 -49.01 31.90 -7.93
CA ALA A 109 -48.05 32.80 -8.57
C ALA A 109 -48.76 33.91 -9.35
N LYS A 110 -49.64 33.56 -10.30
CA LYS A 110 -50.38 34.60 -11.01
C LYS A 110 -51.00 35.63 -10.06
N LYS A 111 -51.46 35.19 -8.90
CA LYS A 111 -52.08 36.08 -7.91
C LYS A 111 -51.05 36.85 -7.06
N LEU A 112 -49.77 36.55 -7.18
CA LEU A 112 -48.76 37.36 -6.49
C LEU A 112 -48.30 38.56 -7.32
N MET A 113 -48.22 38.39 -8.65
CA MET A 113 -47.78 39.47 -9.53
C MET A 113 -48.95 40.19 -10.24
N ARG A 114 -49.98 40.56 -9.48
CA ARG A 114 -51.13 41.20 -10.10
C ARG A 114 -50.73 42.52 -10.76
N LYS A 115 -50.07 43.42 -10.00
CA LYS A 115 -49.65 44.71 -10.56
C LYS A 115 -48.52 44.55 -11.59
N GLU A 116 -47.44 43.84 -11.20
CA GLU A 116 -46.30 43.68 -12.10
C GLU A 116 -46.73 43.12 -13.46
N GLN A 117 -47.67 42.16 -13.46
CA GLN A 117 -48.12 41.58 -14.72
C GLN A 117 -48.44 42.69 -15.73
N LEU A 118 -49.34 43.60 -15.33
CA LEU A 118 -49.67 44.78 -16.12
C LEU A 118 -48.40 45.54 -16.55
N MET A 119 -47.47 45.78 -15.63
CA MET A 119 -46.37 46.67 -16.01
C MET A 119 -45.53 46.02 -17.13
N LEU A 120 -45.05 44.78 -16.91
CA LEU A 120 -44.46 43.91 -17.95
C LEU A 120 -45.19 44.00 -19.29
N GLU A 121 -46.52 43.99 -19.18
CA GLU A 121 -47.39 43.91 -20.32
C GLU A 121 -47.38 45.22 -21.10
N ASP A 122 -47.72 46.35 -20.43
CA ASP A 122 -47.52 47.70 -21.01
C ASP A 122 -46.05 47.96 -21.38
N GLY A 123 -45.13 47.07 -20.98
CA GLY A 123 -43.78 47.17 -21.52
C GLY A 123 -42.95 48.20 -20.81
N SER A 124 -43.19 48.36 -19.49
CA SER A 124 -42.46 49.30 -18.67
C SER A 124 -41.56 48.61 -17.66
N ILE A 125 -41.66 47.27 -17.50
CA ILE A 125 -40.60 46.45 -16.91
C ILE A 125 -40.41 45.29 -17.86
N SER A 126 -39.18 44.88 -17.96
CA SER A 126 -38.79 43.72 -18.73
C SER A 126 -39.16 42.43 -18.04
N GLN A 127 -38.93 41.34 -18.78
CA GLN A 127 -39.13 40.01 -18.20
C GLN A 127 -38.18 39.79 -17.04
N ASP A 128 -36.87 40.06 -17.25
CA ASP A 128 -35.84 39.91 -16.21
C ASP A 128 -36.41 40.32 -14.84
N GLN A 129 -36.65 41.63 -14.80
CA GLN A 129 -37.12 42.32 -13.62
C GLN A 129 -38.40 41.71 -13.10
N PHE A 130 -39.37 41.46 -13.98
CA PHE A 130 -40.57 40.78 -13.49
C PHE A 130 -40.17 39.59 -12.66
N ASP A 131 -39.29 38.74 -13.23
CA ASP A 131 -38.96 37.45 -12.59
C ASP A 131 -38.25 37.66 -11.27
N THR A 132 -37.08 38.31 -11.31
CA THR A 132 -36.34 38.61 -10.09
C THR A 132 -37.31 39.18 -9.05
N GLN A 133 -38.28 40.00 -9.47
CA GLN A 133 -39.26 40.43 -8.46
C GLN A 133 -40.16 39.30 -7.95
N LEU A 134 -40.35 38.24 -8.75
CA LEU A 134 -41.19 37.12 -8.35
C LEU A 134 -40.45 36.12 -7.46
N ARG A 135 -39.25 35.65 -7.91
CA ARG A 135 -38.33 34.82 -7.12
C ARG A 135 -37.72 35.71 -6.01
N ASP A 136 -38.52 36.72 -5.62
CA ASP A 136 -38.34 37.53 -4.42
C ASP A 136 -39.62 37.65 -3.63
N LYS A 137 -40.77 37.40 -4.26
CA LYS A 137 -42.05 37.67 -3.65
C LYS A 137 -42.46 36.58 -2.68
N ILE A 138 -41.93 35.35 -2.79
CA ILE A 138 -42.38 34.26 -1.94
C ILE A 138 -41.20 33.47 -1.36
N GLY A 139 -41.43 32.94 -0.13
CA GLY A 139 -40.47 32.15 0.64
C GLY A 139 -41.06 31.77 1.99
N LYS A 140 -41.91 32.64 2.51
CA LYS A 140 -42.69 32.37 3.71
C LYS A 140 -43.81 31.37 3.46
N LYS A 141 -45.06 31.87 3.50
CA LYS A 141 -46.24 31.01 3.55
C LYS A 141 -46.23 29.98 2.42
N GLN A 142 -46.24 30.48 1.17
CA GLN A 142 -46.53 29.69 -0.03
C GLN A 142 -45.33 28.90 -0.56
N LEU A 143 -44.19 29.00 0.10
CA LEU A 143 -43.14 28.06 -0.20
C LEU A 143 -43.35 26.75 0.55
N LYS A 144 -43.78 26.83 1.81
CA LYS A 144 -44.11 25.67 2.64
C LYS A 144 -45.34 24.97 2.09
N GLN A 145 -45.62 25.19 0.80
CA GLN A 145 -46.65 24.42 0.08
C GLN A 145 -46.04 23.32 -0.80
N LEU A 146 -44.92 22.74 -0.38
CA LEU A 146 -44.21 21.74 -1.20
C LEU A 146 -44.04 20.42 -0.41
N THR A 147 -44.96 19.46 -0.65
CA THR A 147 -44.90 18.15 0.01
C THR A 147 -43.62 17.42 -0.36
N LYS A 148 -43.37 16.31 0.37
CA LYS A 148 -42.23 15.46 0.03
C LYS A 148 -42.30 15.00 -1.41
N LYS A 149 -43.51 14.85 -1.93
CA LYS A 149 -43.67 14.44 -3.32
C LYS A 149 -42.86 15.29 -4.29
N ASP A 150 -42.89 16.62 -4.11
CA ASP A 150 -42.43 17.57 -5.12
C ASP A 150 -40.93 17.79 -5.09
N LEU A 151 -40.31 17.91 -3.90
CA LEU A 151 -38.85 17.96 -3.84
C LEU A 151 -38.22 16.70 -4.46
N GLN A 152 -38.96 15.58 -4.35
CA GLN A 152 -38.60 14.37 -5.07
C GLN A 152 -38.51 14.63 -6.56
N VAL A 153 -39.59 15.12 -7.17
CA VAL A 153 -39.57 15.35 -8.61
C VAL A 153 -38.63 16.51 -8.98
N LEU A 154 -38.36 17.40 -8.02
CA LEU A 154 -37.41 18.49 -8.25
C LEU A 154 -35.97 17.98 -8.25
N ALA A 155 -35.65 17.08 -7.30
CA ALA A 155 -34.28 16.59 -7.16
C ALA A 155 -33.82 15.85 -8.41
N ILE A 156 -34.76 15.29 -9.17
CA ILE A 156 -34.46 14.72 -10.47
C ILE A 156 -34.34 15.81 -11.53
N TYR A 157 -35.37 16.67 -11.61
CA TYR A 157 -35.41 17.82 -12.53
C TYR A 157 -34.11 18.65 -12.47
N ARG A 158 -33.74 19.07 -11.25
CA ARG A 158 -32.49 19.78 -11.06
C ARG A 158 -31.37 19.10 -11.82
N GLU A 159 -31.08 17.85 -11.47
CA GLU A 159 -30.02 17.13 -12.16
C GLU A 159 -30.29 16.90 -13.65
N MET A 160 -31.51 17.12 -14.16
CA MET A 160 -31.79 16.89 -15.57
C MET A 160 -31.28 17.99 -16.50
N ASN A 161 -30.77 19.09 -15.96
CA ASN A 161 -30.00 20.08 -16.71
C ASN A 161 -28.93 20.70 -15.79
N ALA A 162 -27.71 20.74 -16.30
CA ALA A 162 -26.65 21.60 -15.77
C ALA A 162 -25.83 22.12 -16.96
N GLY A 163 -25.55 21.21 -17.91
CA GLY A 163 -24.99 21.57 -19.21
C GLY A 163 -25.92 21.15 -20.33
N SER A 164 -25.83 21.84 -21.46
CA SER A 164 -26.66 21.58 -22.63
C SER A 164 -25.85 20.72 -23.60
N THR A 165 -26.49 20.33 -24.71
CA THR A 165 -25.92 19.39 -25.66
C THR A 165 -26.36 18.00 -25.22
N LEU A 166 -25.45 17.02 -25.29
CA LEU A 166 -25.73 15.61 -24.98
C LEU A 166 -24.76 15.07 -23.92
N ASP A 167 -24.58 15.83 -22.83
CA ASP A 167 -23.70 15.51 -21.70
C ASP A 167 -24.45 14.61 -20.73
N PRO A 168 -24.18 13.27 -20.75
CA PRO A 168 -25.11 12.34 -20.05
C PRO A 168 -25.14 12.41 -18.52
N GLN A 169 -25.83 13.42 -17.99
CA GLN A 169 -25.70 13.78 -16.58
C GLN A 169 -26.30 12.70 -15.68
N THR A 170 -25.58 12.39 -14.58
CA THR A 170 -26.04 11.39 -13.64
C THR A 170 -27.13 11.99 -12.75
N ILE A 171 -28.17 11.19 -12.53
CA ILE A 171 -29.32 11.58 -11.72
C ILE A 171 -29.20 11.02 -10.30
N LYS A 172 -28.92 9.72 -10.18
CA LYS A 172 -28.63 8.99 -8.95
C LYS A 172 -27.40 8.17 -9.29
N ASN A 173 -26.41 8.20 -8.40
CA ASN A 173 -25.08 7.62 -8.55
C ASN A 173 -24.85 6.69 -7.38
N GLU A 174 -24.79 7.29 -6.19
CA GLU A 174 -24.73 6.54 -4.95
C GLU A 174 -26.04 5.82 -4.67
N ASP A 175 -25.93 4.56 -4.24
CA ASP A 175 -26.95 3.78 -3.51
C ASP A 175 -28.20 3.52 -4.40
N VAL A 176 -27.93 2.89 -5.51
CA VAL A 176 -29.04 2.59 -6.42
C VAL A 176 -29.54 1.15 -6.32
N SER A 177 -30.61 0.90 -5.56
CA SER A 177 -30.98 -0.47 -5.17
C SER A 177 -31.43 -1.29 -6.39
N GLU A 178 -31.11 -2.61 -6.35
CA GLU A 178 -31.48 -3.53 -7.44
C GLU A 178 -32.98 -3.46 -7.75
N LYS A 179 -33.80 -3.14 -6.73
CA LYS A 179 -35.22 -2.80 -6.99
C LYS A 179 -35.36 -1.58 -7.93
N GLU A 180 -34.51 -0.55 -7.75
CA GLU A 180 -34.62 0.69 -8.51
C GLU A 180 -34.08 0.50 -9.92
N TYR A 181 -32.89 -0.12 -10.05
CA TYR A 181 -32.27 -0.29 -11.38
C TYR A 181 -33.16 -1.12 -12.30
N ALA A 182 -33.88 -2.12 -11.72
CA ALA A 182 -34.77 -2.99 -12.50
C ALA A 182 -36.03 -2.22 -12.91
N ALA A 183 -36.78 -1.72 -11.93
CA ALA A 183 -37.94 -0.89 -12.23
C ALA A 183 -37.70 0.04 -13.45
N VAL A 184 -36.57 0.76 -13.47
CA VAL A 184 -36.39 1.81 -14.47
C VAL A 184 -35.70 1.35 -15.78
N SER A 185 -34.85 0.30 -15.74
CA SER A 185 -34.49 -0.32 -17.02
C SER A 185 -35.72 -0.94 -17.68
N GLN A 186 -36.72 -1.31 -16.86
CA GLN A 186 -37.98 -1.92 -17.31
C GLN A 186 -38.90 -0.95 -18.03
N GLN A 187 -38.80 0.35 -17.80
CA GLN A 187 -39.70 1.33 -18.39
C GLN A 187 -38.94 2.28 -19.30
N LEU A 188 -37.71 1.94 -19.66
CA LEU A 188 -36.87 2.88 -20.41
C LEU A 188 -37.63 3.48 -21.60
N SER A 189 -38.42 2.63 -22.30
CA SER A 189 -39.41 3.05 -23.30
C SER A 189 -40.24 4.23 -22.79
N LYS A 190 -41.15 4.00 -21.83
CA LYS A 190 -41.97 5.10 -21.36
C LYS A 190 -41.15 6.33 -20.90
N LEU A 191 -39.80 6.21 -20.70
CA LEU A 191 -38.94 7.30 -20.20
C LEU A 191 -37.95 7.81 -21.27
N PRO A 192 -38.31 8.86 -22.01
CA PRO A 192 -37.37 9.40 -23.01
C PRO A 192 -36.29 10.24 -22.35
N GLY A 193 -35.04 9.84 -22.62
CA GLY A 193 -33.86 10.55 -22.15
C GLY A 193 -32.98 9.74 -21.20
N VAL A 194 -33.49 8.59 -20.72
CA VAL A 194 -32.98 7.91 -19.55
C VAL A 194 -32.27 6.64 -20.02
N ASN A 195 -30.97 6.53 -19.74
CA ASN A 195 -30.21 5.28 -19.80
C ASN A 195 -29.86 4.78 -18.40
N THR A 196 -29.50 3.49 -18.30
CA THR A 196 -28.94 2.97 -17.06
C THR A 196 -27.76 2.06 -17.34
N THR A 197 -26.68 2.25 -16.55
CA THR A 197 -25.49 1.38 -16.57
C THR A 197 -25.38 0.61 -15.26
N MET A 198 -24.36 -0.25 -15.20
CA MET A 198 -23.86 -0.89 -13.98
C MET A 198 -22.36 -1.10 -14.20
N ASP A 199 -21.56 -0.88 -13.15
CA ASP A 199 -20.13 -1.13 -13.21
C ASP A 199 -19.66 -1.89 -11.97
N TRP A 200 -18.40 -2.29 -12.05
CA TRP A 200 -17.75 -3.02 -10.97
C TRP A 200 -16.74 -2.11 -10.31
N ASP A 201 -16.81 -1.99 -8.98
CA ASP A 201 -15.86 -1.24 -8.16
C ASP A 201 -15.33 -2.10 -7.01
N ARG A 202 -14.01 -2.03 -6.74
CA ARG A 202 -13.44 -2.83 -5.67
C ARG A 202 -14.14 -2.54 -4.33
N LYS A 203 -14.07 -3.53 -3.45
CA LYS A 203 -14.82 -3.62 -2.21
C LYS A 203 -13.88 -4.26 -1.21
N TYR A 204 -13.73 -3.65 -0.03
CA TYR A 204 -12.60 -3.95 0.86
C TYR A 204 -13.10 -4.38 2.23
N PRO A 205 -13.53 -5.62 2.33
CA PRO A 205 -14.19 -6.14 3.55
C PRO A 205 -13.51 -5.85 4.86
N TYR A 206 -12.18 -5.74 4.84
CA TYR A 206 -11.38 -5.59 6.05
C TYR A 206 -10.91 -4.17 6.32
N GLY A 207 -11.21 -3.25 5.40
CA GLY A 207 -11.24 -1.86 5.75
C GLY A 207 -10.13 -1.10 5.13
N ASP A 208 -9.42 -0.42 6.01
CA ASP A 208 -8.19 0.21 5.60
C ASP A 208 -7.08 -0.83 5.46
N THR A 209 -7.09 -1.82 6.31
CA THR A 209 -6.02 -2.80 6.37
C THR A 209 -5.52 -3.17 4.99
N LEU A 210 -4.22 -2.90 4.79
CA LEU A 210 -3.44 -3.18 3.59
C LEU A 210 -3.96 -2.50 2.34
N ARG A 211 -4.74 -1.43 2.50
CA ARG A 211 -5.23 -0.76 1.30
C ARG A 211 -4.09 -0.23 0.41
N GLY A 212 -3.06 0.34 1.02
CA GLY A 212 -1.96 0.90 0.23
C GLY A 212 -1.18 -0.14 -0.54
N ILE A 213 -1.15 -1.37 -0.04
CA ILE A 213 -0.46 -2.43 -0.78
C ILE A 213 -1.35 -2.99 -1.90
N PHE A 214 -2.67 -3.11 -1.64
CA PHE A 214 -3.58 -3.60 -2.68
C PHE A 214 -3.45 -2.74 -3.92
N GLY A 215 -3.38 -1.42 -3.70
CA GLY A 215 -3.32 -0.47 -4.77
C GLY A 215 -4.72 -0.15 -5.23
N ASP A 216 -4.78 0.36 -6.46
CA ASP A 216 -5.97 1.01 -6.98
C ASP A 216 -6.17 0.72 -8.47
N VAL A 217 -7.40 0.86 -8.91
CA VAL A 217 -7.78 0.72 -10.31
C VAL A 217 -8.36 2.05 -10.75
N SER A 218 -7.98 2.52 -11.95
CA SER A 218 -8.58 3.73 -12.51
C SER A 218 -10.08 3.53 -12.68
N THR A 219 -10.84 4.63 -12.86
CA THR A 219 -12.32 4.57 -12.86
C THR A 219 -12.98 4.88 -14.21
N SER A 220 -12.35 4.47 -15.31
CA SER A 220 -12.88 4.62 -16.68
C SER A 220 -13.25 6.06 -17.10
N THR A 221 -13.85 6.83 -16.18
CA THR A 221 -13.70 8.28 -16.25
C THR A 221 -12.22 8.61 -16.42
N GLU A 222 -11.39 8.14 -15.48
CA GLU A 222 -9.94 8.21 -15.61
C GLU A 222 -9.43 7.53 -16.88
N GLY A 223 -10.09 6.44 -17.30
CA GLY A 223 -9.45 5.51 -18.23
C GLY A 223 -8.07 5.14 -17.70
N ILE A 224 -7.08 5.05 -18.57
CA ILE A 224 -5.73 4.87 -18.05
C ILE A 224 -5.20 6.28 -17.79
N PRO A 225 -4.37 6.45 -16.74
CA PRO A 225 -3.89 7.79 -16.38
C PRO A 225 -2.64 8.15 -17.19
N LYS A 226 -2.24 9.44 -17.08
CA LYS A 226 -1.33 9.99 -18.09
C LYS A 226 -0.02 9.24 -18.13
N GLU A 227 0.47 8.75 -16.98
CA GLU A 227 1.83 8.22 -16.90
C GLU A 227 1.96 6.80 -17.48
N LEU A 228 1.19 5.84 -16.93
CA LEU A 228 1.38 4.42 -17.18
C LEU A 228 1.15 4.03 -18.64
N THR A 229 0.51 4.91 -19.41
CA THR A 229 0.40 4.82 -20.86
C THR A 229 1.70 4.33 -21.52
N GLU A 230 1.69 4.27 -22.85
CA GLU A 230 2.78 3.63 -23.58
C GLU A 230 2.90 2.18 -23.15
N GLN A 231 3.47 1.96 -21.95
CA GLN A 231 3.61 0.61 -21.39
C GLN A 231 2.28 -0.15 -21.38
N TYR A 232 1.16 0.56 -21.11
CA TYR A 232 -0.17 -0.06 -21.22
C TYR A 232 -0.64 -0.21 -22.67
N LEU A 233 -0.24 0.72 -23.55
CA LEU A 233 -0.73 0.74 -24.92
C LEU A 233 0.09 -0.17 -25.81
N SER A 234 1.38 -0.37 -25.48
CA SER A 234 2.28 -1.30 -26.18
C SER A 234 1.96 -2.80 -25.95
N LYS A 235 0.76 -3.02 -25.40
CA LYS A 235 0.18 -4.34 -25.21
C LYS A 235 -1.21 -4.45 -25.82
N GLY A 236 -2.02 -3.40 -25.69
CA GLY A 236 -3.20 -3.28 -26.52
C GLY A 236 -4.46 -2.88 -25.77
N TYR A 237 -4.53 -1.63 -25.32
CA TYR A 237 -5.61 -1.21 -24.44
C TYR A 237 -6.29 0.01 -25.04
N SER A 238 -7.49 0.28 -24.54
CA SER A 238 -8.17 1.56 -24.75
C SER A 238 -7.90 2.49 -23.57
N ARG A 239 -7.71 3.79 -23.86
CA ARG A 239 -7.74 4.75 -22.76
C ARG A 239 -9.14 4.90 -22.15
N ASN A 240 -10.17 4.27 -22.74
CA ASN A 240 -11.42 4.09 -22.02
C ASN A 240 -11.27 3.08 -20.88
N ASP A 241 -10.40 2.06 -21.06
CA ASP A 241 -10.28 0.93 -20.13
C ASP A 241 -9.91 1.38 -18.72
N ARG A 242 -10.52 0.74 -17.72
CA ARG A 242 -10.00 0.80 -16.37
C ARG A 242 -8.83 -0.18 -16.22
N VAL A 243 -7.76 0.26 -15.57
CA VAL A 243 -6.63 -0.64 -15.36
C VAL A 243 -6.18 -0.53 -13.93
N GLY A 244 -5.04 -1.20 -13.64
CA GLY A 244 -4.40 -1.18 -12.35
C GLY A 244 -3.37 -0.07 -12.19
N LYS A 245 -3.69 0.85 -11.29
CA LYS A 245 -2.99 2.12 -11.15
C LYS A 245 -1.78 2.03 -10.22
N SER A 246 -1.70 0.99 -9.37
CA SER A 246 -0.59 0.86 -8.42
C SER A 246 -0.48 -0.42 -7.57
N TYR A 247 0.76 -0.84 -7.29
CA TYR A 247 1.04 -1.95 -6.35
C TYR A 247 0.48 -3.29 -6.79
N LEU A 248 -0.26 -3.95 -5.92
CA LEU A 248 -0.69 -5.29 -6.30
C LEU A 248 -1.51 -5.24 -7.58
N GLU A 249 -2.51 -4.33 -7.65
CA GLU A 249 -3.33 -4.19 -8.86
C GLU A 249 -2.45 -3.86 -10.06
N TYR A 250 -1.44 -3.02 -9.84
CA TYR A 250 -0.53 -2.73 -10.94
C TYR A 250 0.26 -3.95 -11.33
N GLN A 251 0.66 -4.76 -10.33
CA GLN A 251 1.68 -5.79 -10.50
C GLN A 251 1.11 -7.10 -11.00
N TYR A 252 -0.06 -7.50 -10.55
CA TYR A 252 -0.75 -8.62 -11.15
C TYR A 252 -1.89 -8.20 -12.08
N GLU A 253 -1.71 -7.07 -12.74
CA GLU A 253 -2.71 -6.63 -13.71
C GLU A 253 -3.04 -7.75 -14.69
N ASP A 254 -2.03 -8.36 -15.31
CA ASP A 254 -2.39 -9.24 -16.41
C ASP A 254 -3.03 -10.57 -15.95
N VAL A 255 -3.05 -10.87 -14.65
CA VAL A 255 -3.84 -11.98 -14.13
C VAL A 255 -5.17 -11.49 -13.56
N LEU A 256 -5.14 -10.46 -12.71
CA LEU A 256 -6.41 -9.98 -12.16
C LEU A 256 -7.36 -9.38 -13.23
N LYS A 257 -6.88 -9.08 -14.44
CA LYS A 257 -7.76 -8.62 -15.49
C LYS A 257 -8.43 -9.83 -16.11
N GLY A 258 -9.59 -9.60 -16.69
CA GLY A 258 -10.32 -10.66 -17.34
C GLY A 258 -9.69 -11.09 -18.67
N THR A 259 -10.53 -11.80 -19.45
CA THR A 259 -10.50 -11.87 -20.90
C THR A 259 -11.81 -11.24 -21.36
N LYS A 260 -11.80 -10.71 -22.59
CA LYS A 260 -12.88 -9.87 -23.07
C LYS A 260 -13.81 -10.66 -23.98
N LYS A 261 -15.07 -10.22 -23.98
CA LYS A 261 -16.10 -10.77 -24.83
C LYS A 261 -15.88 -10.29 -26.25
N GLN A 262 -15.87 -11.20 -27.24
CA GLN A 262 -15.48 -10.82 -28.61
C GLN A 262 -16.22 -11.59 -29.71
N MET A 263 -16.99 -10.85 -30.54
CA MET A 263 -17.73 -11.36 -31.69
C MET A 263 -17.12 -10.85 -33.01
N LYS A 264 -17.53 -11.49 -34.12
CA LYS A 264 -17.21 -11.06 -35.49
C LYS A 264 -18.46 -11.13 -36.37
N TYR A 265 -18.69 -10.07 -37.17
CA TYR A 265 -19.97 -9.83 -37.85
C TYR A 265 -19.81 -9.86 -39.37
N THR A 266 -20.98 -9.86 -40.05
CA THR A 266 -21.08 -9.93 -41.51
C THR A 266 -22.05 -8.83 -41.97
N THR A 267 -21.54 -7.70 -42.45
CA THR A 267 -22.42 -6.63 -42.92
C THR A 267 -22.54 -6.64 -44.45
N ASP A 268 -23.67 -6.09 -44.93
CA ASP A 268 -24.12 -6.14 -46.33
C ASP A 268 -25.14 -5.01 -46.55
N LYS A 269 -25.43 -4.70 -47.83
CA LYS A 269 -26.45 -3.67 -48.24
C LYS A 269 -26.14 -2.33 -47.54
N SER A 270 -27.14 -1.63 -46.98
CA SER A 270 -26.92 -0.45 -46.13
C SER A 270 -27.51 -0.69 -44.74
N GLY A 271 -27.14 -1.84 -44.17
CA GLY A 271 -27.52 -2.23 -42.82
C GLY A 271 -27.17 -3.68 -42.49
N ARG A 272 -27.63 -4.59 -43.36
CA ARG A 272 -27.73 -6.04 -43.12
C ARG A 272 -26.55 -6.66 -42.34
N VAL A 273 -26.89 -7.52 -41.38
CA VAL A 273 -25.95 -8.36 -40.64
C VAL A 273 -26.59 -9.74 -40.64
N ILE A 274 -25.97 -10.66 -41.37
CA ILE A 274 -26.54 -11.99 -41.56
C ILE A 274 -26.43 -12.83 -40.29
N SER A 275 -25.34 -12.68 -39.52
CA SER A 275 -25.05 -13.50 -38.34
C SER A 275 -23.63 -13.24 -37.82
N SER A 276 -23.39 -13.56 -36.54
CA SER A 276 -22.09 -13.44 -35.89
C SER A 276 -21.67 -14.83 -35.36
N GLU A 277 -20.35 -15.02 -35.23
CA GLU A 277 -19.79 -16.19 -34.57
C GLU A 277 -18.98 -15.75 -33.36
N VAL A 278 -19.40 -16.21 -32.17
CA VAL A 278 -18.74 -15.90 -30.90
C VAL A 278 -17.34 -16.51 -30.92
N LEU A 279 -16.31 -15.64 -30.99
CA LEU A 279 -14.93 -16.09 -30.88
C LEU A 279 -14.54 -16.31 -29.42
N ASN A 280 -14.62 -15.26 -28.60
CA ASN A 280 -14.29 -15.37 -27.17
C ASN A 280 -15.42 -14.95 -26.25
N PRO A 281 -15.98 -15.91 -25.50
CA PRO A 281 -17.17 -15.59 -24.69
C PRO A 281 -16.95 -14.54 -23.60
N GLY A 282 -15.74 -14.48 -23.05
CA GLY A 282 -15.45 -13.64 -21.90
C GLY A 282 -14.66 -14.44 -20.88
N SER A 283 -14.84 -14.11 -19.58
CA SER A 283 -14.28 -14.83 -18.42
C SER A 283 -13.72 -13.81 -17.41
N ARG A 284 -14.02 -13.99 -16.12
CA ARG A 284 -13.55 -13.07 -15.09
C ARG A 284 -12.06 -13.29 -14.79
N GLY A 285 -11.45 -12.26 -14.19
CA GLY A 285 -10.06 -12.38 -13.82
C GLY A 285 -9.77 -13.62 -13.00
N HIS A 286 -8.53 -14.10 -13.14
CA HIS A 286 -8.00 -15.13 -12.27
C HIS A 286 -7.89 -14.61 -10.84
N ASP A 287 -8.29 -15.41 -9.88
CA ASP A 287 -8.19 -14.95 -8.51
C ASP A 287 -6.76 -15.06 -8.02
N LEU A 288 -6.37 -14.10 -7.17
CA LEU A 288 -5.03 -14.05 -6.60
C LEU A 288 -5.09 -14.20 -5.11
N GLN A 289 -4.32 -15.17 -4.61
CA GLN A 289 -4.22 -15.46 -3.20
C GLN A 289 -2.88 -14.95 -2.67
N LEU A 290 -2.95 -14.25 -1.56
CA LEU A 290 -1.76 -13.69 -0.94
C LEU A 290 -1.25 -14.62 0.17
N THR A 291 0.01 -14.41 0.49
CA THR A 291 0.63 -15.03 1.63
C THR A 291 0.19 -14.42 2.93
N ILE A 292 -0.56 -13.32 2.90
CA ILE A 292 -0.90 -12.67 4.15
C ILE A 292 -1.73 -13.63 4.94
N ASP A 293 -1.58 -13.59 6.24
CA ASP A 293 -2.60 -14.16 7.11
C ASP A 293 -3.30 -12.97 7.76
N ILE A 294 -4.50 -12.64 7.28
CA ILE A 294 -5.17 -11.40 7.67
C ILE A 294 -5.45 -11.33 9.17
N ASP A 295 -5.58 -12.48 9.82
CA ASP A 295 -5.80 -12.42 11.27
C ASP A 295 -4.52 -12.01 11.99
N LEU A 296 -3.38 -12.48 11.48
CA LEU A 296 -2.09 -11.98 11.95
C LEU A 296 -1.92 -10.52 11.59
N GLN A 297 -2.14 -10.19 10.31
CA GLN A 297 -2.02 -8.82 9.82
C GLN A 297 -2.76 -7.86 10.71
N LYS A 298 -4.01 -8.18 11.04
CA LYS A 298 -4.83 -7.32 11.87
C LYS A 298 -4.26 -7.19 13.27
N LYS A 299 -3.75 -8.28 13.84
CA LYS A 299 -3.26 -8.25 15.22
C LYS A 299 -2.00 -7.43 15.33
N VAL A 300 -1.17 -7.48 14.28
CA VAL A 300 0.07 -6.71 14.21
C VAL A 300 -0.24 -5.21 14.20
N GLU A 301 -1.11 -4.79 13.27
CA GLU A 301 -1.62 -3.41 13.27
C GLU A 301 -2.09 -3.05 14.68
N SER A 302 -2.80 -3.95 15.34
CA SER A 302 -3.23 -3.70 16.71
C SER A 302 -2.06 -3.43 17.64
N LEU A 303 -1.20 -4.42 17.81
CA LEU A 303 -0.10 -4.28 18.76
C LEU A 303 0.77 -3.07 18.45
N LEU A 304 1.08 -2.86 17.17
CA LEU A 304 1.81 -1.67 16.74
C LEU A 304 1.28 -0.42 17.44
N GLU A 305 -0.02 -0.15 17.31
CA GLU A 305 -0.62 1.04 17.90
C GLU A 305 -0.55 1.01 19.43
N LYS A 306 -0.94 -0.09 20.06
CA LYS A 306 -0.76 -0.14 21.52
C LYS A 306 0.65 0.28 21.87
N GLN A 307 1.63 -0.18 21.09
CA GLN A 307 3.04 0.06 21.39
C GLN A 307 3.48 1.47 21.02
N ILE A 308 2.98 2.01 19.91
CA ILE A 308 3.27 3.41 19.62
C ILE A 308 2.72 4.28 20.73
N SER A 309 1.51 3.98 21.18
CA SER A 309 0.95 4.80 22.24
C SER A 309 1.72 4.60 23.52
N LYS A 310 2.19 3.37 23.74
CA LYS A 310 2.96 3.11 24.95
C LYS A 310 4.24 3.92 24.94
N LEU A 311 4.91 3.97 23.77
CA LEU A 311 6.24 4.59 23.69
C LEU A 311 6.16 6.11 23.72
N ARG A 312 5.10 6.67 23.07
CA ARG A 312 4.86 8.11 23.13
C ARG A 312 4.63 8.55 24.58
N SER A 313 3.91 7.75 25.37
CA SER A 313 3.72 8.10 26.77
C SER A 313 4.95 7.79 27.63
N GLN A 314 6.05 7.33 27.06
CA GLN A 314 7.31 7.27 27.82
C GLN A 314 8.40 8.19 27.25
N GLY A 315 8.03 9.17 26.42
CA GLY A 315 8.99 10.16 25.96
C GLY A 315 9.06 10.35 24.45
N ALA A 316 8.66 9.31 23.74
CA ALA A 316 8.92 9.22 22.31
C ALA A 316 7.91 9.99 21.49
N LYS A 317 7.68 11.24 21.85
CA LYS A 317 6.63 12.02 21.18
C LYS A 317 7.05 12.53 19.81
N ASP A 318 8.35 12.54 19.50
CA ASP A 318 8.78 12.94 18.16
C ASP A 318 8.94 11.77 17.22
N MET A 319 9.18 10.57 17.75
CA MET A 319 9.17 9.37 16.92
C MET A 319 8.09 9.51 15.89
N ASP A 320 8.43 9.12 14.67
CA ASP A 320 7.63 9.51 13.52
C ASP A 320 7.45 8.45 12.47
N ASN A 321 8.07 7.30 12.59
CA ASN A 321 7.70 6.13 11.79
C ASN A 321 7.68 4.92 12.73
N ALA A 322 7.13 3.83 12.24
CA ALA A 322 7.20 2.60 13.01
C ALA A 322 6.76 1.50 12.06
N LEU A 323 7.68 0.72 11.53
CA LEU A 323 7.35 -0.34 10.60
C LEU A 323 7.68 -1.69 11.21
N MET A 324 7.19 -2.74 10.54
CA MET A 324 7.31 -4.14 11.00
C MET A 324 7.05 -5.05 9.82
N VAL A 325 7.97 -5.90 9.47
CA VAL A 325 7.66 -6.96 8.53
C VAL A 325 7.72 -8.28 9.28
N VAL A 326 6.91 -9.22 8.85
CA VAL A 326 6.92 -10.55 9.44
C VAL A 326 6.99 -11.56 8.31
N GLN A 327 7.83 -12.52 8.42
CA GLN A 327 8.04 -13.38 7.29
C GLN A 327 8.08 -14.79 7.78
N ASN A 328 7.85 -15.71 6.87
CA ASN A 328 8.29 -17.07 7.12
C ASN A 328 9.64 -17.25 6.48
N PRO A 329 10.70 -17.42 7.24
CA PRO A 329 12.04 -17.38 6.66
C PRO A 329 12.40 -18.62 5.85
N LYS A 330 11.71 -19.73 6.04
CA LYS A 330 11.99 -20.91 5.25
C LYS A 330 11.47 -20.79 3.82
N ASN A 331 10.72 -19.74 3.49
CA ASN A 331 10.34 -19.61 2.08
C ASN A 331 9.90 -18.25 1.57
N GLY A 332 10.10 -17.22 2.35
CA GLY A 332 9.90 -15.88 1.86
C GLY A 332 8.52 -15.31 2.01
N ASP A 333 7.51 -16.14 2.29
CA ASP A 333 6.16 -15.67 2.56
C ASP A 333 6.17 -14.46 3.47
N ILE A 334 5.52 -13.40 3.01
CA ILE A 334 5.28 -12.28 3.89
C ILE A 334 3.96 -12.53 4.58
N LEU A 335 4.01 -12.67 5.87
CA LEU A 335 2.78 -12.98 6.58
C LEU A 335 2.06 -11.73 7.06
N ALA A 336 2.79 -10.69 7.40
CA ALA A 336 2.22 -9.44 7.82
C ALA A 336 3.17 -8.37 7.34
N ILE A 337 2.66 -7.16 7.23
CA ILE A 337 3.49 -6.04 6.82
C ILE A 337 2.78 -4.78 7.24
N ALA A 338 3.33 -4.05 8.17
CA ALA A 338 2.62 -2.95 8.79
C ALA A 338 3.54 -1.76 9.02
N GLY A 339 2.93 -0.61 9.24
CA GLY A 339 3.66 0.62 9.21
C GLY A 339 2.82 1.86 9.27
N LYS A 340 3.03 2.61 10.35
CA LYS A 340 2.40 3.89 10.59
C LYS A 340 3.43 5.01 10.48
N GLN A 341 3.00 6.15 9.96
CA GLN A 341 3.65 7.42 10.22
C GLN A 341 2.99 8.05 11.43
N ILE A 342 3.77 8.67 12.28
CA ILE A 342 3.24 9.38 13.44
C ILE A 342 3.52 10.87 13.30
N ASP A 343 2.58 11.70 13.72
CA ASP A 343 2.79 13.13 13.82
C ASP A 343 3.08 13.47 15.28
N LYS A 344 3.18 14.77 15.58
CA LYS A 344 3.73 15.14 16.87
C LYS A 344 2.77 14.91 18.02
N GLN A 345 1.51 14.59 17.73
CA GLN A 345 0.48 14.38 18.74
C GLN A 345 -0.15 13.01 18.64
N GLY A 346 0.35 12.17 17.72
CA GLY A 346 -0.06 10.79 17.67
C GLY A 346 -0.93 10.37 16.50
N LYS A 347 -1.22 11.24 15.55
CA LYS A 347 -2.16 10.89 14.51
C LYS A 347 -1.51 9.90 13.54
N LEU A 348 -1.95 8.64 13.61
CA LEU A 348 -1.41 7.61 12.74
C LEU A 348 -1.92 7.82 11.32
N LYS A 349 -1.04 7.53 10.36
CA LYS A 349 -1.38 7.34 8.96
C LYS A 349 -0.89 5.96 8.57
N ASP A 350 -1.63 5.24 7.75
CA ASP A 350 -1.10 3.95 7.27
C ASP A 350 0.03 4.19 6.30
N TYR A 351 1.01 3.26 6.29
CA TYR A 351 2.33 3.41 5.65
C TYR A 351 2.93 2.03 5.50
N ASP A 352 2.17 1.16 4.86
CA ASP A 352 2.61 -0.21 4.75
C ASP A 352 3.63 -0.35 3.65
N ILE A 353 3.47 0.42 2.58
CA ILE A 353 4.48 0.51 1.55
C ILE A 353 5.80 1.00 2.13
N GLY A 354 5.79 1.58 3.32
CA GLY A 354 7.03 2.09 3.90
C GLY A 354 8.10 1.03 4.09
N ASN A 355 7.70 -0.19 4.34
CA ASN A 355 8.65 -1.25 4.59
C ASN A 355 9.60 -1.56 3.44
N PHE A 356 9.26 -1.17 2.22
CA PHE A 356 10.19 -1.41 1.12
C PHE A 356 10.37 -0.24 0.16
N THR A 357 9.83 0.92 0.46
CA THR A 357 10.03 2.11 -0.35
C THR A 357 10.75 3.24 0.39
N ALA A 358 11.02 3.06 1.67
CA ALA A 358 11.74 3.95 2.54
C ALA A 358 12.99 3.23 3.01
N GLN A 359 13.96 4.04 3.35
CA GLN A 359 15.26 3.56 3.78
C GLN A 359 15.65 4.31 5.03
N TYR A 360 16.38 3.62 5.92
CA TYR A 360 16.76 4.19 7.19
C TYR A 360 18.16 3.74 7.56
N THR A 361 18.75 4.46 8.48
CA THR A 361 20.01 4.08 9.07
C THR A 361 19.68 3.15 10.23
N VAL A 362 20.28 1.96 10.24
CA VAL A 362 19.78 0.82 11.00
C VAL A 362 20.69 0.46 12.17
N GLY A 363 21.99 0.63 11.99
CA GLY A 363 22.83 0.57 13.14
C GLY A 363 23.27 -0.83 13.46
N SER A 364 23.34 -1.09 14.75
CA SER A 364 24.17 -2.19 15.22
C SER A 364 23.66 -3.57 14.85
N SER A 365 22.65 -3.65 14.02
CA SER A 365 21.98 -4.91 13.79
C SER A 365 22.41 -5.55 12.47
N VAL A 366 23.18 -4.84 11.65
CA VAL A 366 23.85 -5.50 10.54
C VAL A 366 25.06 -6.33 10.94
N LYS A 367 25.45 -6.32 12.19
CA LYS A 367 26.77 -6.83 12.51
C LYS A 367 26.93 -8.30 12.12
N GLY A 368 25.90 -9.12 12.30
CA GLY A 368 26.01 -10.49 11.86
C GLY A 368 26.32 -10.64 10.39
N GLY A 369 26.01 -9.66 9.59
CA GLY A 369 26.43 -9.77 8.21
C GLY A 369 27.88 -9.37 8.05
N THR A 370 28.30 -8.31 8.78
CA THR A 370 29.70 -7.89 8.75
C THR A 370 30.62 -9.06 9.12
N LEU A 371 30.35 -9.73 10.24
CA LEU A 371 31.06 -10.96 10.62
C LEU A 371 31.13 -11.97 9.48
N LEU A 372 30.01 -12.23 8.86
CA LEU A 372 30.01 -13.17 7.74
C LEU A 372 30.84 -12.70 6.55
N ALA A 373 31.18 -11.41 6.49
CA ALA A 373 32.07 -10.91 5.45
C ALA A 373 33.52 -11.10 5.88
N GLY A 374 33.78 -10.99 7.17
CA GLY A 374 35.10 -11.25 7.67
C GLY A 374 35.49 -12.71 7.52
N TYR A 375 34.56 -13.63 7.78
CA TYR A 375 34.91 -15.06 7.66
C TYR A 375 35.22 -15.42 6.22
N GLN A 376 34.44 -14.87 5.30
CA GLN A 376 34.59 -15.16 3.89
C GLN A 376 35.94 -14.75 3.36
N ASN A 377 36.51 -13.66 3.91
CA ASN A 377 37.72 -13.04 3.40
C ASN A 377 38.97 -13.32 4.26
N LYS A 378 38.89 -14.21 5.24
CA LYS A 378 40.03 -14.58 6.06
C LYS A 378 40.41 -13.51 7.05
N ALA A 379 39.73 -12.37 7.02
CA ALA A 379 40.02 -11.27 7.94
C ALA A 379 39.87 -11.71 9.38
N ILE A 380 38.85 -12.50 9.66
CA ILE A 380 38.89 -13.24 10.92
C ILE A 380 38.49 -14.70 10.70
N ASN A 381 38.33 -15.44 11.79
CA ASN A 381 37.84 -16.80 11.71
C ASN A 381 37.18 -17.14 13.03
N VAL A 382 36.33 -18.17 12.96
CA VAL A 382 35.27 -18.37 13.94
C VAL A 382 35.84 -18.42 15.32
N GLY A 383 35.21 -17.70 16.22
CA GLY A 383 35.67 -17.68 17.59
C GLY A 383 36.93 -16.88 17.86
N GLU A 384 37.48 -16.24 16.85
CA GLU A 384 38.55 -15.32 17.08
C GLU A 384 38.13 -14.36 18.18
N THR A 385 38.95 -14.25 19.19
CA THR A 385 38.73 -13.29 20.25
C THR A 385 39.61 -12.07 20.04
N MET A 386 39.18 -10.96 20.61
CA MET A 386 39.84 -9.68 20.43
C MET A 386 39.59 -8.88 21.68
N VAL A 387 40.38 -7.84 21.87
CA VAL A 387 40.15 -6.90 22.95
C VAL A 387 39.21 -5.75 22.53
N ASP A 388 38.10 -5.59 23.24
CA ASP A 388 37.29 -4.39 23.11
C ASP A 388 37.91 -3.35 23.99
N GLU A 389 38.37 -2.26 23.38
CA GLU A 389 38.90 -1.13 24.12
C GLU A 389 38.69 0.11 23.29
N PRO A 390 38.78 1.29 23.88
CA PRO A 390 38.83 2.49 23.05
C PRO A 390 39.97 2.40 22.04
N LEU A 391 39.67 2.53 20.78
CA LEU A 391 40.69 2.75 19.77
C LEU A 391 41.11 4.21 19.80
N LYS A 392 42.38 4.45 19.52
CA LYS A 392 42.90 5.80 19.36
C LYS A 392 43.50 5.82 17.97
N PHE A 393 43.13 6.80 17.19
CA PHE A 393 43.69 6.98 15.87
C PHE A 393 44.47 8.29 15.80
N GLN A 394 45.24 8.43 14.72
CA GLN A 394 46.22 9.51 14.66
C GLN A 394 45.51 10.83 14.75
N GLY A 395 46.14 11.76 15.46
CA GLY A 395 45.59 13.09 15.62
C GLY A 395 44.57 13.23 16.71
N GLY A 396 43.94 12.12 17.11
CA GLY A 396 43.24 12.03 18.38
C GLY A 396 41.86 11.41 18.33
N LEU A 397 41.46 10.99 17.14
CA LEU A 397 40.13 10.43 16.97
C LEU A 397 39.99 9.14 17.74
N THR A 398 38.85 8.99 18.41
CA THR A 398 38.61 7.75 19.16
C THR A 398 37.24 7.16 18.85
N LYS A 399 37.18 5.82 18.85
CA LYS A 399 35.93 5.06 18.80
C LYS A 399 35.88 4.11 19.97
N ARG A 400 34.69 3.81 20.43
CA ARG A 400 34.57 2.88 21.53
C ARG A 400 33.25 2.16 21.40
N SER A 401 33.15 1.06 22.14
CA SER A 401 31.90 0.33 22.23
C SER A 401 31.12 0.93 23.37
N TYR A 402 29.81 1.06 23.20
CA TYR A 402 29.02 1.66 24.26
C TYR A 402 29.20 0.87 25.57
N PHE A 403 29.07 -0.45 25.49
CA PHE A 403 29.09 -1.26 26.70
C PHE A 403 30.39 -1.21 27.45
N ASN A 404 31.41 -0.53 26.92
CA ASN A 404 32.74 -0.59 27.50
C ASN A 404 33.47 0.69 27.14
N LYS A 405 32.97 1.79 27.66
CA LYS A 405 33.49 3.08 27.29
C LYS A 405 34.91 3.29 27.75
N ASN A 406 35.32 2.54 28.79
CA ASN A 406 36.59 2.87 29.44
C ASN A 406 37.54 1.70 29.70
N GLY A 407 37.01 0.54 29.95
CA GLY A 407 37.86 -0.59 30.25
C GLY A 407 38.44 -1.30 29.04
N HIS A 408 38.89 -2.54 29.28
CA HIS A 408 39.47 -3.43 28.28
C HIS A 408 38.96 -4.81 28.59
N VAL A 409 38.50 -5.51 27.57
CA VAL A 409 37.72 -6.72 27.72
C VAL A 409 37.95 -7.55 26.48
N SER A 410 38.50 -8.76 26.62
CA SER A 410 38.58 -9.65 25.48
C SER A 410 37.23 -10.34 25.28
N ILE A 411 36.87 -10.59 24.02
CA ILE A 411 35.56 -11.14 23.72
C ILE A 411 35.62 -11.86 22.41
N ASP A 412 34.83 -12.91 22.32
CA ASP A 412 34.54 -13.59 21.08
C ASP A 412 33.91 -12.75 20.01
N ASP A 413 33.70 -13.33 18.83
CA ASP A 413 32.67 -12.82 17.95
C ASP A 413 31.28 -13.04 18.54
N LYS A 414 30.97 -14.21 19.11
CA LYS A 414 29.57 -14.37 19.51
C LYS A 414 29.27 -13.58 20.75
N GLN A 415 30.27 -13.21 21.54
CA GLN A 415 29.99 -12.21 22.56
C GLN A 415 30.03 -10.79 22.03
N ALA A 416 30.64 -10.55 20.86
CA ALA A 416 30.51 -9.23 20.25
C ALA A 416 29.06 -8.96 19.84
N LEU A 417 28.38 -9.97 19.26
CA LEU A 417 26.97 -9.86 18.88
C LEU A 417 26.06 -9.68 20.09
N MET A 418 26.33 -10.45 21.13
CA MET A 418 25.57 -10.32 22.36
C MET A 418 25.69 -8.92 22.95
N HIS A 419 26.91 -8.40 23.02
CA HIS A 419 27.10 -7.06 23.58
C HIS A 419 26.84 -5.91 22.60
N SER A 420 26.92 -6.15 21.28
CA SER A 420 26.86 -5.13 20.25
C SER A 420 28.07 -4.22 20.34
N SER A 421 29.21 -4.85 20.56
CA SER A 421 30.52 -4.20 20.43
C SER A 421 30.83 -3.61 19.06
N ASN A 422 30.84 -2.29 18.98
CA ASN A 422 31.32 -1.67 17.75
C ASN A 422 32.80 -2.00 17.46
N VAL A 423 33.66 -2.18 18.48
CA VAL A 423 35.09 -2.16 18.16
C VAL A 423 35.54 -3.53 17.63
N TYR A 424 34.92 -4.63 18.06
CA TYR A 424 35.22 -5.91 17.43
C TYR A 424 34.95 -5.81 15.95
N MET A 425 34.04 -4.94 15.55
CA MET A 425 33.66 -4.83 14.14
C MET A 425 34.57 -3.87 13.41
N PHE A 426 35.12 -2.90 14.14
CA PHE A 426 36.11 -2.01 13.56
C PHE A 426 37.41 -2.76 13.33
N LYS A 427 37.81 -3.55 14.30
CA LYS A 427 38.99 -4.37 14.12
C LYS A 427 38.82 -5.35 12.98
N THR A 428 37.69 -6.03 12.93
CA THR A 428 37.45 -6.87 11.77
C THR A 428 37.57 -6.06 10.49
N ALA A 429 36.97 -4.87 10.47
CA ALA A 429 36.98 -4.03 9.26
C ALA A 429 38.41 -3.67 8.85
N LEU A 430 39.24 -3.31 9.82
CA LEU A 430 40.61 -2.98 9.50
C LEU A 430 41.37 -4.22 9.04
N LYS A 431 41.39 -5.28 9.86
CA LYS A 431 41.94 -6.57 9.41
C LYS A 431 41.50 -6.89 7.96
N LEU A 432 40.25 -6.60 7.61
CA LEU A 432 39.85 -6.86 6.22
C LEU A 432 40.57 -5.92 5.24
N ALA A 433 40.97 -4.72 5.69
CA ALA A 433 41.66 -3.75 4.84
C ALA A 433 43.19 -3.86 4.96
N GLY A 434 43.70 -5.08 5.12
CA GLY A 434 45.13 -5.32 5.18
C GLY A 434 45.91 -4.60 6.26
N ASP A 435 45.24 -4.01 7.27
CA ASP A 435 45.85 -2.99 8.15
C ASP A 435 45.42 -3.13 9.61
N PRO A 436 45.85 -4.18 10.29
CA PRO A 436 45.30 -4.47 11.61
C PRO A 436 45.48 -3.30 12.54
N TYR A 437 44.59 -3.19 13.52
CA TYR A 437 44.67 -2.05 14.40
C TYR A 437 45.95 -2.08 15.19
N THR A 438 46.51 -0.90 15.40
CA THR A 438 47.60 -0.59 16.35
C THR A 438 47.26 0.80 16.90
N SER A 439 47.42 0.96 18.21
CA SER A 439 47.12 2.27 18.77
C SER A 439 47.96 3.32 18.04
N GLY A 440 47.47 4.54 18.05
CA GLY A 440 48.05 5.63 17.29
C GLY A 440 47.86 5.61 15.78
N MET A 441 47.58 4.45 15.19
CA MET A 441 47.70 4.30 13.75
C MET A 441 46.94 5.37 13.01
N SER A 442 47.25 5.55 11.72
CA SER A 442 46.44 6.40 10.84
C SER A 442 45.58 5.51 9.93
N LEU A 443 44.57 6.08 9.41
CA LEU A 443 43.56 5.27 8.74
C LEU A 443 43.91 5.08 7.26
N PRO A 444 43.94 3.82 6.76
CA PRO A 444 44.22 3.59 5.33
C PRO A 444 43.57 4.65 4.46
N ASN A 445 44.37 5.42 3.72
CA ASN A 445 43.80 6.50 2.91
C ASN A 445 43.09 5.99 1.67
N ASN A 446 43.06 4.67 1.46
CA ASN A 446 42.34 4.12 0.32
C ASN A 446 41.71 2.77 0.66
N ILE A 447 40.40 2.80 0.94
CA ILE A 447 39.65 1.61 1.34
C ILE A 447 38.78 1.07 0.22
N ALA A 448 39.05 1.45 -1.02
CA ALA A 448 38.17 1.05 -2.11
C ALA A 448 37.98 -0.45 -2.15
N ASP A 449 39.02 -1.23 -1.98
CA ASP A 449 38.83 -2.66 -2.20
C ASP A 449 38.28 -3.37 -0.96
N ALA A 450 38.41 -2.75 0.21
CA ALA A 450 37.77 -3.27 1.41
C ALA A 450 36.28 -2.97 1.37
N GLY A 451 35.91 -1.72 1.07
CA GLY A 451 34.52 -1.42 0.79
C GLY A 451 33.98 -2.48 -0.14
N ARG A 452 34.53 -2.66 -1.35
CA ARG A 452 33.92 -3.58 -2.30
C ARG A 452 33.72 -4.95 -1.68
N LYS A 453 34.74 -5.49 -1.03
CA LYS A 453 34.62 -6.79 -0.39
C LYS A 453 33.50 -6.81 0.66
N LEU A 454 33.46 -5.80 1.52
CA LEU A 454 32.53 -5.82 2.65
C LEU A 454 31.08 -5.58 2.21
N ARG A 455 30.87 -4.67 1.26
CA ARG A 455 29.56 -4.39 0.69
C ARG A 455 29.07 -5.58 -0.11
N LYS A 456 30.00 -6.35 -0.67
CA LYS A 456 29.65 -7.58 -1.37
C LYS A 456 29.26 -8.69 -0.41
N GLY A 457 29.84 -8.70 0.79
CA GLY A 457 29.44 -9.65 1.81
C GLY A 457 28.07 -9.31 2.36
N LEU A 458 27.85 -8.04 2.70
CA LEU A 458 26.54 -7.63 3.17
C LEU A 458 25.48 -7.94 2.13
N ASN A 459 25.69 -7.53 0.88
CA ASN A 459 24.80 -7.89 -0.24
C ASN A 459 24.33 -9.35 -0.29
N GLN A 460 25.24 -10.25 0.05
CA GLN A 460 24.96 -11.69 0.03
C GLN A 460 23.81 -12.09 0.96
N VAL A 461 23.56 -11.31 2.02
CA VAL A 461 22.50 -11.58 2.96
C VAL A 461 21.33 -10.64 2.76
N GLY A 462 21.36 -9.84 1.71
CA GLY A 462 20.24 -9.03 1.30
C GLY A 462 20.49 -7.55 1.44
N LEU A 463 21.33 -7.15 2.39
CA LEU A 463 21.66 -5.76 2.67
C LEU A 463 22.43 -5.05 1.55
N GLY A 464 21.73 -4.15 0.88
CA GLY A 464 22.25 -3.39 -0.23
C GLY A 464 21.58 -3.68 -1.56
N LEU A 465 20.99 -4.84 -1.70
CA LEU A 465 20.26 -5.18 -2.90
C LEU A 465 18.74 -5.06 -2.69
N LYS A 466 18.04 -4.93 -3.81
CA LYS A 466 16.61 -5.14 -3.84
C LYS A 466 16.37 -6.59 -3.48
N THR A 467 15.32 -6.82 -2.68
CA THR A 467 15.09 -8.14 -2.13
C THR A 467 14.42 -9.03 -3.13
N GLY A 468 13.86 -8.46 -4.19
CA GLY A 468 13.15 -9.19 -5.21
C GLY A 468 11.65 -9.15 -5.10
N ILE A 469 11.12 -8.38 -4.13
CA ILE A 469 9.72 -8.47 -3.74
C ILE A 469 8.89 -8.26 -4.96
N ASP A 470 7.73 -8.91 -5.02
CA ASP A 470 6.74 -8.75 -6.12
C ASP A 470 5.80 -7.55 -5.96
N LEU A 471 6.43 -6.40 -5.76
CA LEU A 471 5.78 -5.10 -5.91
C LEU A 471 6.73 -4.08 -6.55
N PRO A 472 6.16 -2.96 -7.00
CA PRO A 472 6.95 -1.91 -7.63
C PRO A 472 7.48 -1.01 -6.55
N ASN A 473 8.53 -0.35 -6.97
CA ASN A 473 9.15 0.73 -6.20
C ASN A 473 9.92 0.20 -5.00
N GLU A 474 10.57 -0.94 -5.14
CA GLU A 474 11.43 -1.42 -4.06
C GLU A 474 12.72 -0.64 -4.24
N THR A 475 13.21 0.02 -3.17
CA THR A 475 14.53 0.65 -3.15
C THR A 475 15.55 -0.22 -2.43
N PRO A 476 16.77 -0.24 -2.98
CA PRO A 476 17.84 -1.03 -2.36
C PRO A 476 18.62 -0.29 -1.30
N GLY A 477 18.23 0.94 -1.07
CA GLY A 477 18.89 1.75 -0.07
C GLY A 477 19.97 2.65 -0.66
N GLN A 478 20.27 3.68 0.12
CA GLN A 478 21.23 4.69 -0.28
C GLN A 478 22.62 4.13 -0.13
N ILE A 479 23.37 4.13 -1.22
CA ILE A 479 24.65 3.45 -1.31
C ILE A 479 25.66 4.50 -1.77
N GLU A 480 26.25 5.26 -0.83
CA GLU A 480 27.25 6.26 -1.21
C GLU A 480 28.63 5.60 -1.30
N PRO A 481 29.58 6.26 -1.95
CA PRO A 481 30.76 5.54 -2.43
C PRO A 481 31.84 5.38 -1.38
N LEU A 482 32.81 4.54 -1.73
CA LEU A 482 33.82 4.08 -0.79
C LEU A 482 35.13 4.12 -1.56
N THR A 483 35.76 5.29 -1.55
CA THR A 483 37.03 5.50 -2.20
C THR A 483 38.09 5.76 -1.15
N ASN A 484 38.04 6.90 -0.50
CA ASN A 484 39.07 7.27 0.46
C ASN A 484 38.49 7.89 1.71
N ASN A 485 37.28 7.44 2.12
CA ASN A 485 36.62 7.86 3.34
C ASN A 485 36.66 6.72 4.33
N PRO A 486 37.85 6.37 4.79
CA PRO A 486 37.94 5.28 5.76
C PRO A 486 36.94 5.42 6.90
N GLY A 487 36.80 6.62 7.49
CA GLY A 487 35.90 6.75 8.62
C GLY A 487 34.52 6.20 8.31
N ASN A 488 34.05 6.44 7.09
CA ASN A 488 32.82 5.85 6.62
C ASN A 488 32.92 4.34 6.54
N TYR A 489 33.80 3.82 5.69
CA TYR A 489 34.06 2.39 5.64
C TYR A 489 33.90 1.71 7.00
N LEU A 490 34.53 2.24 8.03
CA LEU A 490 34.27 1.69 9.37
C LEU A 490 32.79 1.79 9.73
N ASP A 491 32.21 2.98 9.65
CA ASP A 491 30.82 3.09 10.04
C ASP A 491 29.98 2.05 9.32
N LEU A 492 30.34 1.69 8.10
CA LEU A 492 29.50 0.79 7.30
C LEU A 492 29.46 -0.62 7.90
N ALA A 493 30.49 -0.97 8.65
CA ALA A 493 30.56 -2.24 9.38
C ALA A 493 29.77 -2.26 10.68
N ILE A 494 29.13 -1.16 11.06
CA ILE A 494 28.25 -1.14 12.20
C ILE A 494 26.94 -0.49 11.84
N GLY A 495 26.66 -0.44 10.55
CA GLY A 495 25.35 -0.04 10.10
C GLY A 495 25.12 1.44 10.08
N GLN A 496 26.16 2.26 9.91
CA GLN A 496 25.88 3.69 10.01
C GLN A 496 26.43 4.45 8.82
N TYR A 497 26.33 3.87 7.64
CA TYR A 497 26.62 4.58 6.41
C TYR A 497 25.55 4.25 5.40
N ASP A 498 25.73 3.17 4.67
CA ASP A 498 24.63 2.72 3.82
C ASP A 498 23.35 2.54 4.63
N THR A 499 22.24 2.87 4.01
CA THR A 499 20.92 2.75 4.62
C THR A 499 20.10 1.66 3.93
N TYR A 500 19.12 1.14 4.66
CA TYR A 500 18.38 -0.03 4.23
C TYR A 500 16.89 0.04 4.56
N THR A 501 16.07 -0.68 3.67
CA THR A 501 14.64 -0.87 3.87
C THR A 501 14.38 -1.94 4.91
N PRO A 502 13.32 -1.75 5.69
CA PRO A 502 12.97 -2.80 6.65
C PRO A 502 12.76 -4.18 6.07
N LEU A 503 12.44 -4.27 4.79
CA LEU A 503 12.36 -5.57 4.16
C LEU A 503 13.71 -6.21 4.03
N GLN A 504 14.77 -5.43 3.72
CA GLN A 504 16.10 -6.01 3.61
C GLN A 504 16.53 -6.58 4.93
N LEU A 505 16.42 -5.79 5.98
CA LEU A 505 16.57 -6.36 7.32
C LEU A 505 15.83 -7.67 7.46
N SER A 506 14.60 -7.74 7.00
CA SER A 506 13.87 -8.96 7.19
C SER A 506 14.36 -10.07 6.28
N GLN A 507 14.88 -9.75 5.11
CA GLN A 507 15.45 -10.81 4.28
C GLN A 507 16.74 -11.31 4.85
N TYR A 508 17.52 -10.42 5.48
CA TYR A 508 18.82 -10.81 6.02
C TYR A 508 18.64 -11.68 7.25
N VAL A 509 17.84 -11.27 8.22
CA VAL A 509 17.62 -12.12 9.39
C VAL A 509 17.06 -13.47 8.98
N SER A 510 16.18 -13.49 7.98
CA SER A 510 15.70 -14.79 7.51
C SER A 510 16.81 -15.65 6.91
N THR A 511 17.78 -15.04 6.26
CA THR A 511 18.83 -15.82 5.65
C THR A 511 19.70 -16.48 6.73
N ILE A 512 19.99 -15.72 7.78
CA ILE A 512 20.64 -16.31 8.96
C ILE A 512 19.80 -17.46 9.47
N ALA A 513 18.48 -17.27 9.54
CA ALA A 513 17.61 -18.27 10.17
C ALA A 513 17.48 -19.55 9.36
N ASN A 514 17.56 -19.49 8.04
CA ASN A 514 17.48 -20.70 7.23
C ASN A 514 18.84 -21.08 6.70
N ASP A 515 19.86 -20.86 7.50
CA ASP A 515 21.16 -21.49 7.29
C ASP A 515 21.82 -21.08 5.98
N GLY A 516 21.63 -19.82 5.64
CA GLY A 516 22.38 -19.19 4.61
C GLY A 516 21.75 -19.19 3.26
N TYR A 517 20.44 -19.31 3.16
CA TYR A 517 19.75 -19.14 1.89
C TYR A 517 18.99 -17.81 1.86
N ARG A 518 19.27 -17.00 0.86
CA ARG A 518 18.68 -15.69 0.71
C ARG A 518 17.54 -15.92 -0.28
N ILE A 519 16.31 -15.77 0.20
CA ILE A 519 15.12 -16.08 -0.57
C ILE A 519 14.41 -14.77 -0.86
N GLN A 520 13.95 -14.65 -2.09
CA GLN A 520 13.08 -13.60 -2.52
C GLN A 520 11.83 -13.51 -1.65
N PRO A 521 11.57 -12.38 -1.02
CA PRO A 521 10.29 -12.27 -0.34
C PRO A 521 9.24 -12.22 -1.42
N HIS A 522 8.08 -12.74 -1.07
CA HIS A 522 6.92 -12.59 -1.93
C HIS A 522 5.69 -12.39 -1.07
N ILE A 523 4.64 -11.92 -1.73
CA ILE A 523 3.37 -11.64 -1.08
C ILE A 523 2.33 -12.37 -1.91
N GLY A 524 2.45 -12.33 -3.22
CA GLY A 524 1.67 -13.21 -4.06
C GLY A 524 2.04 -14.64 -3.77
N LEU A 525 1.05 -15.51 -3.54
CA LEU A 525 1.28 -16.91 -3.15
C LEU A 525 0.81 -17.90 -4.20
N SER A 526 -0.38 -17.70 -4.75
CA SER A 526 -0.95 -18.68 -5.66
C SER A 526 -1.94 -17.99 -6.56
N ILE A 527 -2.02 -18.47 -7.79
CA ILE A 527 -2.99 -17.96 -8.73
C ILE A 527 -3.97 -19.06 -9.15
N TYR A 528 -5.23 -18.67 -9.34
CA TYR A 528 -6.34 -19.58 -9.53
C TYR A 528 -7.13 -19.30 -10.79
N GLU A 529 -7.64 -20.39 -11.37
CA GLU A 529 -8.25 -20.39 -12.70
C GLU A 529 -9.64 -19.93 -12.69
N SER A 530 -10.06 -19.27 -11.60
CA SER A 530 -11.46 -18.92 -11.40
C SER A 530 -12.16 -18.58 -12.73
N THR A 531 -13.42 -19.02 -12.84
CA THR A 531 -14.35 -18.63 -13.92
C THR A 531 -15.75 -18.40 -13.32
N ASN A 532 -16.22 -19.33 -12.48
CA ASN A 532 -17.50 -19.09 -11.81
C ASN A 532 -17.31 -18.08 -10.69
N LYS A 533 -18.42 -17.55 -10.22
CA LYS A 533 -18.38 -16.48 -9.24
C LYS A 533 -18.37 -17.10 -7.84
N ASP A 534 -17.40 -16.66 -7.04
CA ASP A 534 -17.28 -16.94 -5.61
C ASP A 534 -16.69 -18.32 -5.33
N GLU A 535 -17.02 -19.32 -6.14
CA GLU A 535 -16.21 -20.53 -6.15
C GLU A 535 -14.78 -20.17 -6.54
N THR A 536 -13.79 -20.80 -5.88
CA THR A 536 -12.38 -20.49 -6.20
C THR A 536 -11.94 -21.08 -7.54
N GLY A 537 -12.04 -22.38 -7.67
CA GLY A 537 -11.71 -22.98 -8.93
C GLY A 537 -10.28 -23.43 -8.80
N PRO A 538 -9.81 -24.05 -9.88
CA PRO A 538 -8.54 -24.77 -9.81
C PRO A 538 -7.28 -23.92 -9.69
N LEU A 539 -6.30 -24.50 -9.00
CA LEU A 539 -5.00 -23.88 -8.95
C LEU A 539 -4.49 -23.78 -10.39
N LYS A 540 -3.92 -22.61 -10.71
CA LYS A 540 -3.28 -22.35 -11.99
C LYS A 540 -1.77 -22.38 -11.82
N ARG A 541 -1.24 -21.43 -11.06
CA ARG A 541 0.20 -21.25 -10.85
C ARG A 541 0.46 -21.00 -9.37
N LYS A 542 1.58 -21.51 -8.89
CA LYS A 542 2.12 -21.10 -7.59
C LYS A 542 3.10 -19.96 -7.80
N ILE A 543 3.24 -19.15 -6.77
CA ILE A 543 4.20 -18.04 -6.79
C ILE A 543 5.26 -18.35 -5.74
N LYS A 544 6.39 -18.88 -6.21
CA LYS A 544 7.46 -19.34 -5.33
C LYS A 544 8.32 -18.16 -4.88
N GLY A 545 8.76 -18.23 -3.62
CA GLY A 545 9.92 -17.48 -3.17
C GLY A 545 11.22 -18.13 -3.64
N ASN A 546 11.78 -17.62 -4.72
CA ASN A 546 12.99 -18.19 -5.28
C ASN A 546 14.21 -17.95 -4.40
N VAL A 547 15.17 -18.87 -4.50
CA VAL A 547 16.46 -18.72 -3.81
C VAL A 547 17.33 -17.79 -4.64
N LEU A 548 17.70 -16.64 -4.06
CA LEU A 548 18.52 -15.68 -4.80
C LEU A 548 19.97 -16.12 -4.88
N ASN A 549 20.50 -16.75 -3.82
CA ASN A 549 21.91 -17.05 -3.65
C ASN A 549 22.06 -17.70 -2.27
N LYS A 550 23.11 -18.52 -2.13
CA LYS A 550 23.54 -19.02 -0.83
C LYS A 550 24.74 -18.21 -0.40
N VAL A 551 24.84 -17.95 0.90
CA VAL A 551 25.95 -17.18 1.44
C VAL A 551 27.20 -18.00 1.20
N ASN A 552 28.32 -17.31 1.09
CA ASN A 552 29.61 -17.93 0.86
C ASN A 552 30.27 -18.26 2.19
N ASN A 553 29.62 -19.16 2.92
CA ASN A 553 30.07 -19.43 4.27
C ASN A 553 29.81 -20.87 4.68
N SER A 554 30.72 -21.34 5.53
CA SER A 554 30.66 -22.64 6.19
C SER A 554 29.51 -22.67 7.15
N ASN A 555 28.95 -23.84 7.35
CA ASN A 555 27.92 -23.93 8.35
C ASN A 555 28.44 -23.72 9.77
N ASP A 556 29.74 -23.86 10.00
CA ASP A 556 30.32 -23.44 11.29
C ASP A 556 30.38 -21.93 11.46
N GLU A 557 30.55 -21.19 10.35
CA GLU A 557 30.47 -19.73 10.39
C GLU A 557 29.05 -19.29 10.70
N ILE A 558 28.06 -19.86 10.01
CA ILE A 558 26.66 -19.47 10.23
C ILE A 558 26.21 -19.75 11.66
N LYS A 559 26.62 -20.88 12.26
CA LYS A 559 26.19 -21.20 13.61
C LYS A 559 26.83 -20.30 14.63
N GLU A 560 28.00 -19.78 14.32
CA GLU A 560 28.56 -18.76 15.20
C GLU A 560 27.62 -17.56 15.27
N VAL A 561 27.12 -17.10 14.12
CA VAL A 561 26.28 -15.92 14.13
C VAL A 561 24.98 -16.22 14.83
N GLN A 562 24.30 -17.26 14.38
CA GLN A 562 23.12 -17.76 15.08
C GLN A 562 23.33 -17.82 16.61
N GLU A 563 24.46 -18.31 17.05
CA GLU A 563 24.65 -18.36 18.48
C GLU A 563 24.72 -16.96 19.05
N GLY A 564 25.30 -16.02 18.29
CA GLY A 564 25.42 -14.67 18.81
C GLY A 564 24.06 -14.02 18.93
N PHE A 565 23.22 -14.25 17.92
CA PHE A 565 21.83 -13.80 17.96
C PHE A 565 21.07 -14.40 19.13
N LYS A 566 21.18 -15.72 19.33
CA LYS A 566 20.54 -16.36 20.46
C LYS A 566 21.05 -15.81 21.76
N MET A 567 22.34 -15.52 21.85
CA MET A 567 22.86 -14.92 23.08
C MET A 567 22.34 -13.51 23.32
N ALA A 568 22.02 -12.76 22.24
CA ALA A 568 21.67 -11.36 22.42
C ALA A 568 20.28 -11.23 23.01
N PHE A 569 19.50 -12.31 22.91
CA PHE A 569 18.12 -12.41 23.38
C PHE A 569 17.99 -13.18 24.68
N ASN A 570 18.96 -13.99 25.05
CA ASN A 570 18.76 -14.90 26.16
C ASN A 570 19.86 -14.92 27.22
N GLU A 571 20.94 -14.15 27.06
CA GLU A 571 21.95 -14.03 28.10
C GLU A 571 21.76 -12.72 28.87
N LYS A 572 21.97 -12.76 30.18
CA LYS A 572 21.67 -11.60 31.02
C LYS A 572 22.27 -10.32 30.44
N GLN A 573 23.45 -10.42 29.82
CA GLN A 573 24.10 -9.26 29.22
C GLN A 573 23.76 -9.03 27.75
N GLY A 574 22.85 -9.80 27.16
CA GLY A 574 22.44 -9.55 25.80
C GLY A 574 21.64 -8.28 25.70
N THR A 575 21.71 -7.62 24.53
CA THR A 575 21.00 -6.34 24.36
C THR A 575 19.49 -6.56 24.32
N GLY A 576 19.06 -7.71 23.80
CA GLY A 576 17.64 -8.01 23.71
C GLY A 576 17.10 -8.92 24.81
N TYR A 577 17.85 -9.06 25.89
CA TYR A 577 17.38 -9.84 27.03
C TYR A 577 15.97 -9.45 27.46
N ALA A 578 15.77 -8.22 27.86
CA ALA A 578 14.53 -7.80 28.53
C ALA A 578 13.37 -7.73 27.68
N SER A 579 13.36 -8.32 26.51
CA SER A 579 12.20 -8.29 25.64
C SER A 579 11.95 -9.61 24.97
N PHE A 580 12.89 -10.51 24.96
CA PHE A 580 12.77 -11.74 24.18
C PHE A 580 13.12 -12.98 25.00
N ARG A 581 13.55 -12.82 26.25
CA ARG A 581 13.99 -13.98 27.01
C ARG A 581 12.84 -14.92 27.35
N ASN A 582 11.62 -14.41 27.51
CA ASN A 582 10.48 -15.19 27.95
C ASN A 582 9.46 -15.33 26.85
N THR A 583 9.91 -15.29 25.62
CA THR A 583 9.01 -15.64 24.55
C THR A 583 8.51 -17.06 24.75
N VAL A 584 7.26 -17.31 24.37
CA VAL A 584 6.70 -18.66 24.55
C VAL A 584 7.61 -19.72 23.95
N VAL A 585 8.18 -19.43 22.78
CA VAL A 585 9.27 -20.27 22.30
C VAL A 585 10.56 -19.47 22.24
N PRO A 586 11.69 -20.16 22.31
CA PRO A 586 12.99 -19.50 22.22
C PRO A 586 13.06 -18.66 20.95
N SER A 587 13.65 -17.49 21.11
CA SER A 587 13.86 -16.55 20.00
C SER A 587 15.33 -16.09 19.99
N ALA A 588 15.75 -15.74 18.79
CA ALA A 588 17.09 -15.22 18.53
C ALA A 588 16.99 -13.99 17.66
N GLY A 589 17.97 -13.13 17.81
CA GLY A 589 17.98 -11.94 16.99
C GLY A 589 19.07 -10.95 17.33
N LYS A 590 18.77 -9.67 17.23
CA LYS A 590 19.80 -8.65 17.22
C LYS A 590 19.10 -7.30 17.13
N THR A 591 19.70 -6.32 17.74
CA THR A 591 19.18 -4.97 17.79
C THR A 591 20.21 -4.01 17.23
N GLY A 592 19.73 -2.82 16.86
CA GLY A 592 20.58 -1.69 16.58
C GLY A 592 19.94 -0.43 17.11
N THR A 593 20.77 0.56 17.39
CA THR A 593 20.37 1.85 17.95
C THR A 593 21.24 2.89 17.24
N ALA A 594 20.83 3.32 16.09
CA ALA A 594 21.64 4.26 15.31
C ALA A 594 21.36 5.69 15.76
N GLU A 595 22.40 6.49 16.03
CA GLU A 595 22.16 7.90 16.32
C GLU A 595 21.90 8.64 15.02
N VAL A 596 20.93 9.55 15.08
CA VAL A 596 20.47 10.36 13.95
C VAL A 596 20.06 11.72 14.51
N PHE A 597 19.68 12.61 13.62
CA PHE A 597 19.31 13.95 14.02
C PHE A 597 18.06 14.33 13.26
N GLN A 598 17.25 15.16 13.88
CA GLN A 598 15.96 15.59 13.33
C GLN A 598 15.84 17.05 13.73
N ASP A 599 15.89 17.93 12.74
CA ASP A 599 15.85 19.37 12.99
C ASP A 599 16.92 19.76 13.99
N GLY A 600 18.09 19.16 13.82
CA GLY A 600 19.23 19.47 14.64
C GLY A 600 19.18 18.98 16.08
N GLU A 601 18.09 18.24 16.48
CA GLU A 601 18.07 17.62 17.81
C GLU A 601 18.47 16.13 17.76
N PRO A 602 19.04 15.61 18.85
CA PRO A 602 19.59 14.25 18.83
C PRO A 602 18.56 13.17 19.15
N ARG A 603 18.65 12.10 18.33
CA ARG A 603 17.60 11.11 18.18
C ARG A 603 18.24 9.76 17.93
N VAL A 604 17.45 8.71 18.07
CA VAL A 604 17.89 7.40 17.62
C VAL A 604 16.82 6.73 16.79
N ASN A 605 17.21 6.16 15.64
CA ASN A 605 16.53 4.99 15.09
C ASN A 605 16.82 3.80 16.00
N SER A 606 15.95 2.81 15.95
CA SER A 606 16.00 1.71 16.90
C SER A 606 15.44 0.53 16.14
N THR A 607 16.21 -0.51 15.95
CA THR A 607 15.82 -1.61 15.08
C THR A 607 15.91 -2.90 15.83
N TYR A 608 15.11 -3.86 15.38
CA TYR A 608 15.13 -5.22 15.90
C TYR A 608 15.03 -6.16 14.73
N ILE A 609 15.70 -7.31 14.83
CA ILE A 609 15.39 -8.43 13.96
C ILE A 609 15.45 -9.72 14.75
N GLY A 610 14.68 -10.69 14.30
CA GLY A 610 14.74 -11.96 15.00
C GLY A 610 13.94 -13.04 14.33
N TYR A 611 14.10 -14.24 14.87
CA TYR A 611 13.36 -15.39 14.37
C TYR A 611 13.05 -16.33 15.54
N ALA A 612 12.08 -17.23 15.30
CA ALA A 612 11.72 -18.21 16.29
C ALA A 612 10.99 -19.30 15.58
N PRO A 613 11.06 -20.51 16.08
CA PRO A 613 11.82 -20.86 17.27
C PRO A 613 13.29 -21.02 16.90
N VAL A 614 14.15 -20.87 17.89
CA VAL A 614 15.56 -20.88 17.62
C VAL A 614 15.98 -22.14 16.90
N ASP A 615 15.27 -23.23 17.11
CA ASP A 615 15.79 -24.52 16.72
C ASP A 615 15.27 -24.96 15.36
N ASP A 616 14.17 -24.36 14.89
CA ASP A 616 13.67 -24.60 13.53
C ASP A 616 12.68 -23.53 13.13
N PRO A 617 13.19 -22.39 12.61
CA PRO A 617 12.41 -21.17 12.65
C PRO A 617 11.31 -21.18 11.63
N LYS A 618 10.14 -20.76 12.08
CA LYS A 618 8.94 -20.66 11.26
C LYS A 618 8.50 -19.21 11.07
N LEU A 619 9.14 -18.28 11.74
CA LEU A 619 8.78 -16.87 11.81
C LEU A 619 10.07 -16.06 11.91
N SER A 620 10.13 -14.97 11.15
CA SER A 620 11.27 -14.05 11.22
C SER A 620 10.66 -12.68 11.12
N PHE A 621 11.31 -11.67 11.67
CA PHE A 621 10.70 -10.33 11.64
C PHE A 621 11.78 -9.26 11.64
N SER A 622 11.44 -8.08 11.15
CA SER A 622 12.22 -6.89 11.42
C SER A 622 11.29 -5.82 11.97
N ILE A 623 11.81 -4.93 12.79
CA ILE A 623 11.02 -3.79 13.28
C ILE A 623 11.87 -2.54 13.14
N VAL A 624 11.26 -1.42 12.87
CA VAL A 624 11.98 -0.14 12.84
C VAL A 624 11.15 0.91 13.54
N TYR A 625 11.74 1.59 14.49
CA TYR A 625 11.20 2.85 14.98
C TYR A 625 12.17 3.97 14.63
N THR A 626 11.70 5.16 14.28
CA THR A 626 12.63 6.25 13.95
C THR A 626 12.46 7.44 14.84
N ASN A 627 13.57 8.06 15.19
CA ASN A 627 13.60 9.33 15.92
C ASN A 627 12.99 9.22 17.32
N GLN A 628 13.25 8.15 17.99
CA GLN A 628 13.03 8.10 19.40
C GLN A 628 13.99 9.03 20.11
N PRO A 629 13.78 9.26 21.39
CA PRO A 629 14.76 10.00 22.17
C PRO A 629 16.07 9.24 22.27
N VAL A 630 17.13 9.99 22.49
CA VAL A 630 18.40 9.35 22.85
C VAL A 630 18.32 8.84 24.28
N PRO A 631 18.79 7.64 24.56
CA PRO A 631 18.47 7.03 25.83
C PRO A 631 19.54 7.25 26.87
N PRO A 632 19.15 7.90 27.96
CA PRO A 632 19.29 7.26 29.28
C PRO A 632 18.22 6.20 29.46
N PRO A 633 16.93 6.56 29.37
CA PRO A 633 15.88 5.55 29.50
C PRO A 633 15.72 4.75 28.22
N TRP A 634 16.02 3.45 28.30
CA TRP A 634 15.91 2.49 27.20
C TRP A 634 14.47 2.07 27.09
N LEU A 635 13.71 2.75 26.22
CA LEU A 635 12.42 2.24 25.82
C LEU A 635 12.61 0.79 25.40
N ASN A 636 11.57 -0.03 25.37
CA ASN A 636 11.72 -1.45 25.03
C ASN A 636 10.72 -1.75 23.94
N GLY A 637 10.99 -1.17 22.77
CA GLY A 637 10.14 -1.35 21.63
C GLY A 637 10.23 -2.71 21.02
N GLY A 638 11.17 -3.53 21.47
CA GLY A 638 11.15 -4.93 21.11
C GLY A 638 9.87 -5.64 21.56
N ASP A 639 9.30 -5.21 22.68
CA ASP A 639 8.07 -5.81 23.20
C ASP A 639 7.08 -6.12 22.09
N LEU A 640 6.87 -5.17 21.18
CA LEU A 640 6.01 -5.46 20.04
C LEU A 640 6.42 -6.76 19.34
N GLY A 641 7.73 -7.00 19.27
CA GLY A 641 8.25 -8.22 18.68
C GLY A 641 8.02 -9.48 19.49
N ARG A 642 8.28 -9.35 20.80
CA ARG A 642 7.92 -10.41 21.74
C ARG A 642 6.43 -10.72 21.67
N ASP A 643 5.58 -9.69 21.57
CA ASP A 643 4.15 -9.95 21.59
C ASP A 643 3.70 -10.69 20.33
N VAL A 644 4.34 -10.41 19.19
CA VAL A 644 3.98 -11.09 17.95
C VAL A 644 4.43 -12.55 17.98
N ILE A 645 5.57 -12.82 18.59
CA ILE A 645 6.04 -14.19 18.67
C ILE A 645 5.15 -14.99 19.59
N ASN A 646 4.68 -14.33 20.66
CA ASN A 646 3.79 -14.97 21.62
C ASN A 646 2.42 -15.23 21.00
N TYR A 647 1.86 -14.24 20.33
CA TYR A 647 0.57 -14.51 19.69
C TYR A 647 0.69 -15.55 18.57
N TYR A 648 1.76 -15.52 17.80
CA TYR A 648 1.81 -16.46 16.69
C TYR A 648 1.80 -17.90 17.18
N PHE A 649 2.53 -18.14 18.27
CA PHE A 649 2.88 -19.44 18.82
C PHE A 649 2.07 -19.81 20.06
N LYS A 650 0.80 -19.34 20.13
CA LYS A 650 -0.03 -19.46 21.33
C LYS A 650 -0.33 -20.92 21.62
N ASP A 651 -0.30 -21.78 20.59
CA ASP A 651 -0.61 -23.19 20.78
C ASP A 651 0.30 -24.07 19.94
N LYS A 652 1.27 -24.70 20.61
CA LYS A 652 2.19 -25.71 20.08
C LYS A 652 2.34 -26.85 21.13
S1 CEF B . 26.04 0.56 21.25
C1 CEF B . 24.50 0.78 22.24
C2 CEF B . 23.70 -0.46 22.10
C3 CEF B . 22.89 -0.97 23.04
C4 CEF B . 23.50 -0.88 20.74
C5 CEF B . 22.38 -1.90 20.60
O1 CEF B . 21.24 -1.39 20.56
O2 CEF B . 22.74 -3.09 20.61
N1 CEF B . 24.09 -0.42 19.71
C6 CEF B . 25.48 -0.14 19.68
C7 CEF B . 26.06 0.73 18.49
C8 CEF B . 25.26 0.29 17.25
O3 CEF B . 24.44 0.94 16.66
N2 CEF B . 26.09 2.19 18.56
C9 CEF B . 25.08 2.87 19.10
O4 CEF B . 24.13 2.29 19.58
C10 CEF B . 25.17 4.38 19.14
N3 CEF B . 24.58 5.16 20.04
O5 CEF B . 23.82 4.60 21.07
C11 CEF B . 23.18 5.49 22.00
C12 CEF B . 26.00 4.91 18.05
C13 CEF B . 25.55 5.44 16.90
S2 CEF B . 26.93 5.87 15.92
C14 CEF B . 28.04 5.26 17.15
N4 CEF B . 29.39 5.28 16.96
N5 CEF B . 27.37 4.80 18.20
#